data_4HIV
# 
_entry.id   4HIV 
# 
_audit_conform.dict_name       mmcif_pdbx.dic 
_audit_conform.dict_version    5.399 
_audit_conform.dict_location   http://mmcif.pdb.org/dictionaries/ascii/mmcif_pdbx.dic 
# 
loop_
_database_2.database_id 
_database_2.database_code 
_database_2.pdbx_database_accession 
_database_2.pdbx_DOI 
PDB   4HIV         pdb_00004hiv 10.2210/pdb4hiv/pdb 
NDB   NA2074       ?            ?                   
RCSB  RCSB075520   ?            ?                   
WWPDB D_1000075520 ?            ?                   
# 
loop_
_pdbx_audit_revision_history.ordinal 
_pdbx_audit_revision_history.data_content_type 
_pdbx_audit_revision_history.major_revision 
_pdbx_audit_revision_history.minor_revision 
_pdbx_audit_revision_history.revision_date 
1 'Structure model' 1 0 2013-05-08 
2 'Structure model' 1 1 2013-05-15 
3 'Structure model' 2 0 2023-11-15 
4 'Structure model' 3 0 2024-07-10 
5 'Structure model' 3 1 2024-11-27 
# 
_pdbx_audit_revision_details.ordinal             1 
_pdbx_audit_revision_details.revision_ordinal    1 
_pdbx_audit_revision_details.data_content_type   'Structure model' 
_pdbx_audit_revision_details.provider            repository 
_pdbx_audit_revision_details.type                'Initial release' 
_pdbx_audit_revision_details.description         ? 
_pdbx_audit_revision_details.details             ? 
# 
loop_
_pdbx_audit_revision_group.ordinal 
_pdbx_audit_revision_group.revision_ordinal 
_pdbx_audit_revision_group.data_content_type 
_pdbx_audit_revision_group.group 
1  2 'Structure model' 'Database references'     
2  2 'Structure model' 'Derived calculations'    
3  2 'Structure model' 'Source and taxonomy'     
4  3 'Structure model' Advisory                  
5  3 'Structure model' 'Atomic model'            
6  3 'Structure model' 'Data collection'         
7  3 'Structure model' 'Database references'     
8  3 'Structure model' 'Derived calculations'    
9  4 'Structure model' 'Data collection'         
10 4 'Structure model' 'Derived calculations'    
11 4 'Structure model' 'Non-polymer description' 
12 4 'Structure model' 'Structure summary'       
13 5 'Structure model' 'Structure summary'       
# 
loop_
_pdbx_audit_revision_category.ordinal 
_pdbx_audit_revision_category.revision_ordinal 
_pdbx_audit_revision_category.data_content_type 
_pdbx_audit_revision_category.category 
1  3 'Structure model' atom_site                     
2  3 'Structure model' chem_comp_atom                
3  3 'Structure model' chem_comp_bond                
4  3 'Structure model' database_2                    
5  3 'Structure model' pdbx_validate_polymer_linkage 
6  3 'Structure model' struct_conn                   
7  4 'Structure model' chem_comp                     
8  4 'Structure model' chem_comp_atom                
9  4 'Structure model' chem_comp_bond                
10 4 'Structure model' entity                        
11 4 'Structure model' struct_conn                   
12 5 'Structure model' pdbx_entry_details            
13 5 'Structure model' pdbx_modification_feature     
# 
loop_
_pdbx_audit_revision_item.ordinal 
_pdbx_audit_revision_item.revision_ordinal 
_pdbx_audit_revision_item.data_content_type 
_pdbx_audit_revision_item.item 
1  3 'Structure model' '_atom_site.auth_atom_id'                      
2  3 'Structure model' '_atom_site.label_atom_id'                     
3  3 'Structure model' '_database_2.pdbx_DOI'                         
4  3 'Structure model' '_database_2.pdbx_database_accession'          
5  3 'Structure model' '_struct_conn.pdbx_dist_value'                 
6  3 'Structure model' '_struct_conn.pdbx_leaving_atom_flag'          
7  3 'Structure model' '_struct_conn.ptnr1_label_atom_id'             
8  3 'Structure model' '_struct_conn.ptnr2_auth_comp_id'              
9  3 'Structure model' '_struct_conn.ptnr2_auth_seq_id'               
10 3 'Structure model' '_struct_conn.ptnr2_label_atom_id'             
11 3 'Structure model' '_struct_conn.ptnr2_label_comp_id'             
12 3 'Structure model' '_struct_conn.ptnr2_label_seq_id'              
13 4 'Structure model' '_chem_comp.formula'                           
14 4 'Structure model' '_chem_comp.formula_weight'                    
15 4 'Structure model' '_entity.formula_weight'                       
16 4 'Structure model' '_struct_conn.pdbx_leaving_atom_flag'          
17 5 'Structure model' '_pdbx_entry_details.has_protein_modification' 
# 
_pdbx_database_status.status_code                     REL 
_pdbx_database_status.entry_id                        4HIV 
_pdbx_database_status.recvd_initial_deposition_date   2012-10-12 
_pdbx_database_status.deposit_site                    RCSB 
_pdbx_database_status.process_site                    RCSB 
_pdbx_database_status.status_code_sf                  REL 
_pdbx_database_status.status_code_mr                  ? 
_pdbx_database_status.SG_entry                        ? 
_pdbx_database_status.status_code_cs                  ? 
_pdbx_database_status.methods_development_category    ? 
_pdbx_database_status.pdb_format_compatible           Y 
_pdbx_database_status.status_code_nmr_data            ? 
# 
loop_
_audit_author.name 
_audit_author.pdbx_ordinal 
'Lo, Y.S.'    1 
'Tseng, W.H.' 2 
'Hou, M.H.'   3 
# 
_citation.id                        primary 
_citation.title                     
;The structural basis of actinomycin D-binding induces nucleotide flipping out, a sharp bend and a left-handed twist in CGG triplet repeats.
;
_citation.journal_abbrev            'Nucleic Acids Res.' 
_citation.journal_volume            41 
_citation.page_first                4284 
_citation.page_last                 4294 
_citation.year                      2013 
_citation.journal_id_ASTM           NARHAD 
_citation.country                   UK 
_citation.journal_id_ISSN           0305-1048 
_citation.journal_id_CSD            0389 
_citation.book_publisher            ? 
_citation.pdbx_database_id_PubMed   23408860 
_citation.pdbx_database_id_DOI      10.1093/nar/gkt084 
# 
loop_
_citation_author.citation_id 
_citation_author.name 
_citation_author.ordinal 
_citation_author.identifier_ORCID 
primary 'Lo, Y.S.'     1 ? 
primary 'Tseng, W.H.'  2 ? 
primary 'Chuang, C.Y.' 3 ? 
primary 'Hou, M.H.'    4 ? 
# 
loop_
_entity.id 
_entity.type 
_entity.src_method 
_entity.pdbx_description 
_entity.formula_weight 
_entity.pdbx_number_of_molecules 
_entity.pdbx_ec 
_entity.pdbx_mutation 
_entity.pdbx_fragment 
_entity.details 
1 polymer syn 
;DNA (5'-D(*AP*TP*GP*CP*GP*GP*CP*AP*T)-3')
;
2755.823 2   ? ? ? ? 
2 polymer nat 'ACTINOMYCIN D'                             1291.446 2   ? ? ? ? 
3 water   nat water                                       18.015   133 ? ? ? ? 
# 
loop_
_entity_poly.entity_id 
_entity_poly.type 
_entity_poly.nstd_linkage 
_entity_poly.nstd_monomer 
_entity_poly.pdbx_seq_one_letter_code 
_entity_poly.pdbx_seq_one_letter_code_can 
_entity_poly.pdbx_strand_id 
_entity_poly.pdbx_target_identifier 
1 polydeoxyribonucleotide no no  '(DA)(DT)(DG)(DC)(DG)(DG)(DC)(DA)(DT)'    ATGCGGCAT   A,B ? 
2 'polypeptide(L)'        no yes 'T(DVA)P(SAR)(MVA)(PXZ)T(DVA)P(SAR)(MVA)' TVPGVXTVPGV C,D ? 
# 
_pdbx_entity_nonpoly.entity_id   3 
_pdbx_entity_nonpoly.name        water 
_pdbx_entity_nonpoly.comp_id     HOH 
# 
loop_
_entity_poly_seq.entity_id 
_entity_poly_seq.num 
_entity_poly_seq.mon_id 
_entity_poly_seq.hetero 
1 1  DA  n 
1 2  DT  n 
1 3  DG  n 
1 4  DC  n 
1 5  DG  n 
1 6  DG  n 
1 7  DC  n 
1 8  DA  n 
1 9  DT  n 
2 1  THR n 
2 2  DVA n 
2 3  PRO n 
2 4  SAR n 
2 5  MVA n 
2 6  PXZ n 
2 7  THR n 
2 8  DVA n 
2 9  PRO n 
2 10 SAR n 
2 11 MVA n 
# 
_entity_src_nat.entity_id                  2 
_entity_src_nat.pdbx_src_id                1 
_entity_src_nat.pdbx_alt_source_flag       sample 
_entity_src_nat.pdbx_beg_seq_num           ? 
_entity_src_nat.pdbx_end_seq_num           ? 
_entity_src_nat.common_name                ? 
_entity_src_nat.pdbx_organism_scientific   'Streptomyces antibioticus' 
_entity_src_nat.pdbx_ncbi_taxonomy_id      1890 
_entity_src_nat.genus                      ? 
_entity_src_nat.species                    ? 
_entity_src_nat.strain                     ? 
_entity_src_nat.tissue                     ? 
_entity_src_nat.tissue_fraction            ? 
_entity_src_nat.pdbx_secretion             ? 
_entity_src_nat.pdbx_fragment              ? 
_entity_src_nat.pdbx_variant               ? 
_entity_src_nat.pdbx_cell_line             ? 
_entity_src_nat.pdbx_atcc                  ? 
_entity_src_nat.pdbx_cellular_location     ? 
_entity_src_nat.pdbx_organ                 ? 
_entity_src_nat.pdbx_organelle             ? 
_entity_src_nat.pdbx_cell                  ? 
_entity_src_nat.pdbx_plasmid_name          ? 
_entity_src_nat.pdbx_plasmid_details       ? 
_entity_src_nat.details                    ? 
# 
loop_
_chem_comp.id 
_chem_comp.type 
_chem_comp.mon_nstd_flag 
_chem_comp.name 
_chem_comp.pdbx_synonyms 
_chem_comp.formula 
_chem_comp.formula_weight 
DA  'DNA linking'       y "2'-DEOXYADENOSINE-5'-MONOPHOSPHATE"                            ?           'C10 H14 N5 O6 P' 331.222 
DC  'DNA linking'       y "2'-DEOXYCYTIDINE-5'-MONOPHOSPHATE"                             ?           'C9 H14 N3 O7 P'  307.197 
DG  'DNA linking'       y "2'-DEOXYGUANOSINE-5'-MONOPHOSPHATE"                            ?           'C10 H14 N5 O7 P' 347.221 
DT  'DNA linking'       y "THYMIDINE-5'-MONOPHOSPHATE"                                    ?           'C10 H15 N2 O8 P' 322.208 
DVA 'D-peptide linking' . D-VALINE                                                        ?           'C5 H11 N O2'     117.146 
HOH non-polymer         . WATER                                                           ?           'H2 O'            18.015  
MVA 'L-peptide linking' n N-METHYLVALINE                                                  ?           'C6 H13 N O2'     131.173 
PRO 'L-peptide linking' y PROLINE                                                         ?           'C5 H9 N O2'      115.130 
PXZ non-polymer         . 2-AMINO-1,9-DICARBONYL-4,6-DIMETHYL-10-DEHYDRO-PHENOXAZIN-3-ONE PHENOXAZINE 'C16 H12 N2 O6'   328.276 
SAR 'peptide linking'   n SARCOSINE                                                       ?           'C3 H7 N O2'      89.093  
THR 'L-peptide linking' y THREONINE                                                       ?           'C4 H9 N O3'      119.119 
# 
loop_
_pdbx_poly_seq_scheme.asym_id 
_pdbx_poly_seq_scheme.entity_id 
_pdbx_poly_seq_scheme.seq_id 
_pdbx_poly_seq_scheme.mon_id 
_pdbx_poly_seq_scheme.ndb_seq_num 
_pdbx_poly_seq_scheme.pdb_seq_num 
_pdbx_poly_seq_scheme.auth_seq_num 
_pdbx_poly_seq_scheme.pdb_mon_id 
_pdbx_poly_seq_scheme.auth_mon_id 
_pdbx_poly_seq_scheme.pdb_strand_id 
_pdbx_poly_seq_scheme.pdb_ins_code 
_pdbx_poly_seq_scheme.hetero 
A 1 1  DA  1  1  1  DA  DA  A . n 
A 1 2  DT  2  2  2  DT  DT  A . n 
A 1 3  DG  3  3  3  DG  DG  A . n 
A 1 4  DC  4  4  4  DC  DC  A . n 
A 1 5  DG  5  5  5  DG  DG  A . n 
A 1 6  DG  6  6  6  DG  DG  A . n 
A 1 7  DC  7  7  7  DC  DC  A . n 
A 1 8  DA  8  8  8  DA  DA  A . n 
A 1 9  DT  9  9  9  DT  DT  A . n 
B 1 1  DA  1  10 10 DA  DA  B . n 
B 1 2  DT  2  11 11 DT  DT  B . n 
B 1 3  DG  3  12 12 DG  DG  B . n 
B 1 4  DC  4  13 13 DC  DC  B . n 
B 1 5  DG  5  14 14 DG  DG  B . n 
B 1 6  DG  6  15 15 DG  DG  B . n 
B 1 7  DC  7  16 16 DC  DC  B . n 
B 1 8  DA  8  17 17 DA  DA  B . n 
B 1 9  DT  9  18 18 DT  DT  B . n 
C 2 1  THR 1  1  1  THR THR C . n 
C 2 2  DVA 2  2  2  DVA DVA C . n 
C 2 3  PRO 3  3  3  PRO PRO C . n 
C 2 4  SAR 4  4  4  SAR SAR C . n 
C 2 5  MVA 5  5  5  MVA MVA C . n 
C 2 6  PXZ 6  6  6  PXZ PXZ C . n 
C 2 7  THR 7  7  7  THR THR C . n 
C 2 8  DVA 8  8  8  DVA DVA C . n 
C 2 9  PRO 9  9  9  PRO PRO C . n 
C 2 10 SAR 10 10 10 SAR SAR C . n 
C 2 11 MVA 11 11 11 MVA MVA C . n 
D 2 1  THR 1  1  1  THR THR D . n 
D 2 2  DVA 2  2  2  DVA DVA D . n 
D 2 3  PRO 3  3  3  PRO PRO D . n 
D 2 4  SAR 4  4  4  SAR SAR D . n 
D 2 5  MVA 5  5  5  MVA MVA D . n 
D 2 6  PXZ 6  6  6  PXZ PXZ D . n 
D 2 7  THR 7  7  7  THR THR D . n 
D 2 8  DVA 8  8  8  DVA DVA D . n 
D 2 9  PRO 9  9  9  PRO PRO D . n 
D 2 10 SAR 10 10 10 SAR SAR D . n 
D 2 11 MVA 11 11 11 MVA MVA D . n 
# 
loop_
_pdbx_nonpoly_scheme.asym_id 
_pdbx_nonpoly_scheme.entity_id 
_pdbx_nonpoly_scheme.mon_id 
_pdbx_nonpoly_scheme.ndb_seq_num 
_pdbx_nonpoly_scheme.pdb_seq_num 
_pdbx_nonpoly_scheme.auth_seq_num 
_pdbx_nonpoly_scheme.pdb_mon_id 
_pdbx_nonpoly_scheme.auth_mon_id 
_pdbx_nonpoly_scheme.pdb_strand_id 
_pdbx_nonpoly_scheme.pdb_ins_code 
E 3 HOH 1  101 4   HOH HOH A . 
E 3 HOH 2  102 7   HOH HOH A . 
E 3 HOH 3  103 8   HOH HOH A . 
E 3 HOH 4  104 14  HOH HOH A . 
E 3 HOH 5  105 17  HOH HOH A . 
E 3 HOH 6  106 21  HOH HOH A . 
E 3 HOH 7  107 23  HOH HOH A . 
E 3 HOH 8  108 30  HOH HOH A . 
E 3 HOH 9  109 36  HOH HOH A . 
E 3 HOH 10 110 52  HOH HOH A . 
E 3 HOH 11 111 61  HOH HOH A . 
E 3 HOH 12 112 62  HOH HOH A . 
E 3 HOH 13 113 63  HOH HOH A . 
E 3 HOH 14 114 64  HOH HOH A . 
E 3 HOH 15 115 75  HOH HOH A . 
E 3 HOH 16 116 78  HOH HOH A . 
E 3 HOH 17 117 80  HOH HOH A . 
E 3 HOH 18 118 83  HOH HOH A . 
E 3 HOH 19 119 86  HOH HOH A . 
E 3 HOH 20 120 99  HOH HOH A . 
E 3 HOH 21 121 100 HOH HOH A . 
E 3 HOH 22 122 104 HOH HOH A . 
E 3 HOH 23 123 105 HOH HOH A . 
E 3 HOH 24 124 106 HOH HOH A . 
E 3 HOH 25 125 110 HOH HOH A . 
E 3 HOH 26 126 111 HOH HOH A . 
E 3 HOH 27 127 112 HOH HOH A . 
E 3 HOH 28 128 114 HOH HOH A . 
E 3 HOH 29 129 117 HOH HOH A . 
E 3 HOH 30 130 118 HOH HOH A . 
E 3 HOH 31 131 120 HOH HOH A . 
E 3 HOH 32 132 128 HOH HOH A . 
E 3 HOH 33 133 130 HOH HOH A . 
E 3 HOH 34 134 132 HOH HOH A . 
E 3 HOH 35 135 65  HOH HOH A . 
F 3 HOH 1  101 1   HOH HOH B . 
F 3 HOH 2  102 3   HOH HOH B . 
F 3 HOH 3  103 5   HOH HOH B . 
F 3 HOH 4  104 6   HOH HOH B . 
F 3 HOH 5  105 10  HOH HOH B . 
F 3 HOH 6  106 12  HOH HOH B . 
F 3 HOH 7  107 13  HOH HOH B . 
F 3 HOH 8  108 15  HOH HOH B . 
F 3 HOH 9  109 28  HOH HOH B . 
F 3 HOH 10 110 29  HOH HOH B . 
F 3 HOH 11 111 34  HOH HOH B . 
F 3 HOH 12 112 44  HOH HOH B . 
F 3 HOH 13 113 45  HOH HOH B . 
F 3 HOH 14 114 59  HOH HOH B . 
F 3 HOH 15 115 76  HOH HOH B . 
F 3 HOH 16 116 82  HOH HOH B . 
F 3 HOH 17 117 87  HOH HOH B . 
F 3 HOH 18 118 88  HOH HOH B . 
F 3 HOH 19 119 90  HOH HOH B . 
F 3 HOH 20 120 97  HOH HOH B . 
F 3 HOH 21 121 121 HOH HOH B . 
F 3 HOH 22 122 123 HOH HOH B . 
F 3 HOH 23 123 125 HOH HOH B . 
G 3 HOH 1  101 9   HOH HOH C . 
G 3 HOH 2  102 11  HOH HOH C . 
G 3 HOH 3  103 16  HOH HOH C . 
G 3 HOH 4  104 18  HOH HOH C . 
G 3 HOH 5  105 20  HOH HOH C . 
G 3 HOH 6  106 22  HOH HOH C . 
G 3 HOH 7  107 24  HOH HOH C . 
G 3 HOH 8  108 25  HOH HOH C . 
G 3 HOH 9  109 26  HOH HOH C . 
G 3 HOH 10 110 27  HOH HOH C . 
G 3 HOH 11 111 31  HOH HOH C . 
G 3 HOH 12 112 32  HOH HOH C . 
G 3 HOH 13 113 33  HOH HOH C . 
G 3 HOH 14 114 35  HOH HOH C . 
G 3 HOH 15 115 37  HOH HOH C . 
G 3 HOH 16 116 38  HOH HOH C . 
G 3 HOH 17 117 39  HOH HOH C . 
G 3 HOH 18 118 40  HOH HOH C . 
G 3 HOH 19 119 41  HOH HOH C . 
G 3 HOH 20 120 42  HOH HOH C . 
G 3 HOH 21 121 43  HOH HOH C . 
G 3 HOH 22 122 46  HOH HOH C . 
G 3 HOH 23 123 47  HOH HOH C . 
G 3 HOH 24 124 48  HOH HOH C . 
G 3 HOH 25 125 49  HOH HOH C . 
G 3 HOH 26 126 50  HOH HOH C . 
G 3 HOH 27 127 51  HOH HOH C . 
G 3 HOH 28 128 53  HOH HOH C . 
G 3 HOH 29 129 54  HOH HOH C . 
G 3 HOH 30 130 55  HOH HOH C . 
G 3 HOH 31 131 56  HOH HOH C . 
G 3 HOH 32 132 57  HOH HOH C . 
G 3 HOH 33 133 58  HOH HOH C . 
G 3 HOH 34 134 60  HOH HOH C . 
G 3 HOH 35 135 66  HOH HOH C . 
G 3 HOH 36 136 67  HOH HOH C . 
G 3 HOH 37 137 68  HOH HOH C . 
G 3 HOH 38 138 69  HOH HOH C . 
G 3 HOH 39 139 70  HOH HOH C . 
G 3 HOH 40 140 71  HOH HOH C . 
G 3 HOH 41 141 72  HOH HOH C . 
G 3 HOH 42 142 73  HOH HOH C . 
G 3 HOH 43 143 74  HOH HOH C . 
G 3 HOH 44 144 77  HOH HOH C . 
G 3 HOH 45 145 79  HOH HOH C . 
G 3 HOH 46 146 81  HOH HOH C . 
G 3 HOH 47 147 84  HOH HOH C . 
G 3 HOH 48 148 85  HOH HOH C . 
G 3 HOH 49 149 89  HOH HOH C . 
G 3 HOH 50 150 91  HOH HOH C . 
G 3 HOH 51 151 92  HOH HOH C . 
G 3 HOH 52 152 93  HOH HOH C . 
G 3 HOH 53 153 94  HOH HOH C . 
G 3 HOH 54 154 95  HOH HOH C . 
G 3 HOH 55 155 96  HOH HOH C . 
G 3 HOH 56 156 98  HOH HOH C . 
G 3 HOH 57 157 101 HOH HOH C . 
G 3 HOH 58 158 102 HOH HOH C . 
G 3 HOH 59 159 103 HOH HOH C . 
G 3 HOH 60 160 107 HOH HOH C . 
G 3 HOH 61 161 108 HOH HOH C . 
G 3 HOH 62 162 109 HOH HOH C . 
G 3 HOH 63 163 113 HOH HOH C . 
G 3 HOH 64 164 116 HOH HOH C . 
G 3 HOH 65 165 119 HOH HOH C . 
G 3 HOH 66 166 122 HOH HOH C . 
G 3 HOH 67 167 126 HOH HOH C . 
G 3 HOH 68 168 127 HOH HOH C . 
G 3 HOH 69 169 129 HOH HOH C . 
G 3 HOH 70 170 131 HOH HOH C . 
G 3 HOH 71 171 133 HOH HOH C . 
G 3 HOH 72 172 115 HOH HOH C . 
H 3 HOH 1  101 2   HOH HOH D . 
H 3 HOH 2  102 19  HOH HOH D . 
H 3 HOH 3  103 124 HOH HOH D . 
# 
loop_
_software.name 
_software.classification 
_software.version 
_software.citation_id 
_software.pdbx_ordinal 
HKL-2000 'data collection' . ? 1 
CNS      refinement        . ? 2 
HKL-2000 'data reduction'  . ? 3 
HKL-2000 'data scaling'    . ? 4 
CNS      phasing           . ? 5 
# 
_cell.entry_id           4HIV 
_cell.length_a           86.936 
_cell.length_b           86.936 
_cell.length_c           49.778 
_cell.angle_alpha        90.00 
_cell.angle_beta         90.00 
_cell.angle_gamma        120.00 
_cell.Z_PDB              24 
_cell.pdbx_unique_axis   ? 
_cell.length_a_esd       ? 
_cell.length_b_esd       ? 
_cell.length_c_esd       ? 
_cell.angle_alpha_esd    ? 
_cell.angle_beta_esd     ? 
_cell.angle_gamma_esd    ? 
# 
_symmetry.entry_id                         4HIV 
_symmetry.space_group_name_H-M             'P 65 2 2' 
_symmetry.pdbx_full_space_group_name_H-M   ? 
_symmetry.cell_setting                     ? 
_symmetry.Int_Tables_number                179 
_symmetry.space_group_name_Hall            ? 
# 
_exptl.entry_id          4HIV 
_exptl.method            'X-RAY DIFFRACTION' 
_exptl.crystals_number   1 
# 
_exptl_crystal.id                    1 
_exptl_crystal.density_meas          ? 
_exptl_crystal.density_Matthews      3.38 
_exptl_crystal.density_percent_sol   63.62 
_exptl_crystal.description           ? 
_exptl_crystal.F_000                 ? 
_exptl_crystal.preparation           ? 
# 
_exptl_crystal_grow.crystal_id      1 
_exptl_crystal_grow.method          'VAPOR DIFFUSION, SITTING DROP' 
_exptl_crystal_grow.temp            277.15 
_exptl_crystal_grow.temp_details    ? 
_exptl_crystal_grow.pH              6.0 
_exptl_crystal_grow.pdbx_pH_range   ? 
_exptl_crystal_grow.pdbx_details    
;40mM sodium cacodylate, 3mM magnesium chloride, 5mM calcium chloride, 10mM spermine, 8% MPD, pH 6.0, VAPOR DIFFUSION, SITTING DROP, temperature 277.15K
;
# 
_diffrn.id                     1 
_diffrn.ambient_temp           77 
_diffrn.ambient_temp_details   ? 
_diffrn.crystal_id             1 
# 
_diffrn_detector.diffrn_id              1 
_diffrn_detector.detector               CCD 
_diffrn_detector.type                   'ADSC QUANTUM 315r' 
_diffrn_detector.pdbx_collection_date   2011-07-13 
_diffrn_detector.details                ? 
# 
_diffrn_radiation.diffrn_id                        1 
_diffrn_radiation.wavelength_id                    1 
_diffrn_radiation.pdbx_monochromatic_or_laue_m_l   M 
_diffrn_radiation.monochromator                    'LN2-Cooled, Fixed-Exit Double Crystal Monochromator' 
_diffrn_radiation.pdbx_diffrn_protocol             'SINGLE WAVELENGTH' 
_diffrn_radiation.pdbx_scattering_type             x-ray 
# 
_diffrn_radiation_wavelength.id           1 
_diffrn_radiation_wavelength.wavelength   0.9062 
_diffrn_radiation_wavelength.wt           1.0 
# 
_diffrn_source.diffrn_id                   1 
_diffrn_source.source                      SYNCHROTRON 
_diffrn_source.type                        'NSRRC BEAMLINE BL13B1' 
_diffrn_source.pdbx_synchrotron_site       NSRRC 
_diffrn_source.pdbx_synchrotron_beamline   BL13B1 
_diffrn_source.pdbx_wavelength             ? 
_diffrn_source.pdbx_wavelength_list        0.9062 
# 
_reflns.pdbx_diffrn_id               1 
_reflns.pdbx_ordinal                 1 
_reflns.entry_id                     4HIV 
_reflns.observed_criterion_sigma_I   -3 
_reflns.observed_criterion_sigma_F   0 
_reflns.d_resolution_low             30 
_reflns.d_resolution_high            2.6 
_reflns.number_obs                   4378 
_reflns.number_all                   ? 
_reflns.percent_possible_obs         99.8 
_reflns.pdbx_Rmerge_I_obs            0.049 
_reflns.pdbx_Rsym_value              ? 
_reflns.pdbx_netI_over_sigmaI        54.205 
_reflns.B_iso_Wilson_estimate        ? 
_reflns.pdbx_redundancy              13.2 
_reflns.R_free_details               ? 
_reflns.pdbx_chi_squared             ? 
_reflns.pdbx_scaling_rejects         ? 
# 
loop_
_reflns_shell.pdbx_diffrn_id 
_reflns_shell.pdbx_ordinal 
_reflns_shell.d_res_high 
_reflns_shell.d_res_low 
_reflns_shell.percent_possible_all 
_reflns_shell.Rmerge_I_obs 
_reflns_shell.pdbx_Rsym_value 
_reflns_shell.meanI_over_sigI_obs 
_reflns_shell.pdbx_redundancy 
_reflns_shell.percent_possible_obs 
_reflns_shell.number_unique_all 
_reflns_shell.number_measured_all 
_reflns_shell.number_measured_obs 
_reflns_shell.number_unique_obs 
_reflns_shell.pdbx_chi_squared 
1 1  2.6  2.69 100  ? ? 4.11  13.8 ? ? ? ? ? ? 
1 2  2.69 2.8  100  ? ? 7.19  13.8 ? ? ? ? ? ? 
1 3  2.8  2.93 100  ? ? 9.86  13.8 ? ? ? ? ? ? 
1 4  2.93 3.08 100  ? ? 17.89 13.9 ? ? ? ? ? ? 
1 5  3.08 3.28 100  ? ? 34.21 13.5 ? ? ? ? ? ? 
1 6  3.28 3.53 100  ? ? 59.9  13.6 ? ? ? ? ? ? 
1 7  3.53 3.88 100  ? ? 54.24 13.2 ? ? ? ? ? ? 
1 8  3.88 4.44 100  ? ? 48.8  12.9 ? ? ? ? ? ? 
1 9  4.44 5.59 99.7 ? ? 64.6  12.4 ? ? ? ? ? ? 
1 10 5.59 30   98.8 ? ? 90.7  11.3 ? ? ? ? ? ? 
# 
_refine.pdbx_refine_id                           'X-RAY DIFFRACTION' 
_refine.entry_id                                 4HIV 
_refine.pdbx_diffrn_id                           1 
_refine.pdbx_TLS_residual_ADP_flag               ? 
_refine.ls_number_reflns_obs                     4378 
_refine.ls_number_reflns_all                     6495 
_refine.pdbx_ls_sigma_I                          ? 
_refine.pdbx_ls_sigma_F                          0 
_refine.pdbx_data_cutoff_high_absF               ? 
_refine.pdbx_data_cutoff_low_absF                ? 
_refine.pdbx_data_cutoff_high_rms_absF           ? 
_refine.ls_d_res_low                             30 
_refine.ls_d_res_high                            2.6 
_refine.ls_percent_reflns_obs                    ? 
_refine.ls_R_factor_obs                          0.26 
_refine.ls_R_factor_all                          ? 
_refine.ls_R_factor_R_work                       0.26 
_refine.ls_R_factor_R_free                       0.29 
_refine.ls_R_factor_R_free_error                 ? 
_refine.ls_R_factor_R_free_error_details         ? 
_refine.ls_percent_reflns_R_free                 ? 
_refine.ls_number_reflns_R_free                  181 
_refine.ls_number_parameters                     ? 
_refine.ls_number_restraints                     ? 
_refine.occupancy_min                            ? 
_refine.occupancy_max                            ? 
_refine.correlation_coeff_Fo_to_Fc               ? 
_refine.correlation_coeff_Fo_to_Fc_free          ? 
_refine.B_iso_mean                               ? 
_refine.aniso_B[1][1]                            1.299 
_refine.aniso_B[2][2]                            1.299 
_refine.aniso_B[3][3]                            -2.598 
_refine.aniso_B[1][2]                            1.151 
_refine.aniso_B[1][3]                            0.000 
_refine.aniso_B[2][3]                            0.000 
_refine.solvent_model_details                    ? 
_refine.solvent_model_param_ksol                 ? 
_refine.solvent_model_param_bsol                 ? 
_refine.pdbx_solvent_vdw_probe_radii             ? 
_refine.pdbx_solvent_ion_probe_radii             ? 
_refine.pdbx_solvent_shrinkage_radii             ? 
_refine.pdbx_ls_cross_valid_method               ? 
_refine.details                                  ? 
_refine.pdbx_starting_model                      ? 
_refine.pdbx_method_to_determine_struct          ? 
_refine.pdbx_isotropic_thermal_model             ? 
_refine.pdbx_stereochemistry_target_values       'Engh & Huber' 
_refine.pdbx_stereochem_target_val_spec_case     ? 
_refine.pdbx_R_Free_selection_details            RANDOM 
_refine.pdbx_overall_ESU_R                       ? 
_refine.pdbx_overall_ESU_R_Free                  ? 
_refine.overall_SU_ML                            ? 
_refine.pdbx_overall_phase_error                 ? 
_refine.overall_SU_B                             ? 
_refine.overall_SU_R_Cruickshank_DPI             ? 
_refine.pdbx_overall_SU_R_free_Cruickshank_DPI   ? 
_refine.pdbx_overall_SU_R_Blow_DPI               ? 
_refine.pdbx_overall_SU_R_free_Blow_DPI          ? 
_refine.ls_redundancy_reflns_obs                 ? 
_refine.overall_SU_R_free                        ? 
_refine.ls_wR_factor_R_free                      ? 
_refine.ls_wR_factor_R_work                      ? 
_refine.overall_FOM_free_R_set                   ? 
_refine.overall_FOM_work_R_set                   ? 
# 
_refine_analyze.pdbx_refine_id                  'X-RAY DIFFRACTION' 
_refine_analyze.entry_id                        4HIV 
_refine_analyze.Luzzati_coordinate_error_obs    0.42 
_refine_analyze.Luzzati_sigma_a_obs             0.36 
_refine_analyze.Luzzati_d_res_low_obs           5 
_refine_analyze.Luzzati_coordinate_error_free   0.47 
_refine_analyze.Luzzati_sigma_a_free            ? 
_refine_analyze.Luzzati_d_res_low_free          ? 
_refine_analyze.number_disordered_residues      ? 
_refine_analyze.occupancy_sum_hydrogen          ? 
_refine_analyze.occupancy_sum_non_hydrogen      ? 
# 
_refine_hist.pdbx_refine_id                   'X-RAY DIFFRACTION' 
_refine_hist.cycle_id                         LAST 
_refine_hist.pdbx_number_atoms_protein        180 
_refine_hist.pdbx_number_atoms_nucleic_acid   366 
_refine_hist.pdbx_number_atoms_ligand         0 
_refine_hist.number_atoms_solvent             133 
_refine_hist.number_atoms_total               679 
_refine_hist.d_res_high                       2.6 
_refine_hist.d_res_low                        30 
# 
loop_
_refine_ls_restr.type 
_refine_ls_restr.dev_ideal 
_refine_ls_restr.dev_ideal_target 
_refine_ls_restr.weight 
_refine_ls_restr.number 
_refine_ls_restr.pdbx_refine_id 
_refine_ls_restr.pdbx_restraint_function 
c_bond_d                0.004705 ? ? ? 'X-RAY DIFFRACTION' ? 
c_bond_d_na             ?        ? ? ? 'X-RAY DIFFRACTION' ? 
c_bond_d_prot           ?        ? ? ? 'X-RAY DIFFRACTION' ? 
c_angle_d               ?        ? ? ? 'X-RAY DIFFRACTION' ? 
c_angle_d_na            ?        ? ? ? 'X-RAY DIFFRACTION' ? 
c_angle_d_prot          ?        ? ? ? 'X-RAY DIFFRACTION' ? 
c_angle_deg             1.408    ? ? ? 'X-RAY DIFFRACTION' ? 
c_angle_deg_na          ?        ? ? ? 'X-RAY DIFFRACTION' ? 
c_angle_deg_prot        ?        ? ? ? 'X-RAY DIFFRACTION' ? 
c_dihedral_angle_d      ?        ? ? ? 'X-RAY DIFFRACTION' ? 
c_dihedral_angle_d_na   ?        ? ? ? 'X-RAY DIFFRACTION' ? 
c_dihedral_angle_d_prot ?        ? ? ? 'X-RAY DIFFRACTION' ? 
c_improper_angle_d      ?        ? ? ? 'X-RAY DIFFRACTION' ? 
c_improper_angle_d_na   ?        ? ? ? 'X-RAY DIFFRACTION' ? 
c_improper_angle_d_prot ?        ? ? ? 'X-RAY DIFFRACTION' ? 
c_mcbond_it             ?        ? ? ? 'X-RAY DIFFRACTION' ? 
c_mcangle_it            ?        ? ? ? 'X-RAY DIFFRACTION' ? 
c_scbond_it             ?        ? ? ? 'X-RAY DIFFRACTION' ? 
c_scangle_it            ?        ? ? ? 'X-RAY DIFFRACTION' ? 
# 
loop_
_refine_ls_shell.pdbx_refine_id 
_refine_ls_shell.pdbx_total_number_of_bins_used 
_refine_ls_shell.d_res_high 
_refine_ls_shell.d_res_low 
_refine_ls_shell.number_reflns_R_work 
_refine_ls_shell.R_factor_R_work 
_refine_ls_shell.percent_reflns_obs 
_refine_ls_shell.R_factor_R_free 
_refine_ls_shell.R_factor_R_free_error 
_refine_ls_shell.percent_reflns_R_free 
_refine_ls_shell.number_reflns_R_free 
_refine_ls_shell.number_reflns_all 
_refine_ls_shell.R_factor_all 
_refine_ls_shell.redundancy_reflns_obs 
_refine_ls_shell.number_reflns_obs 
'X-RAY DIFFRACTION' . 2.6  2.72  . 0.420 7.4  0.09  0.045 . 4  . . . . 
'X-RAY DIFFRACTION' . 2.72 2.86  . 0.349 15.4 0.307 0.097 . 10 . . . . 
'X-RAY DIFFRACTION' . 2.86 3.04  . 0.302 25.6 0.431 0.125 . 12 . . . . 
'X-RAY DIFFRACTION' . 3.04 3.28  . 0.305 44.2 0.268 0.048 . 31 . . . . 
'X-RAY DIFFRACTION' . 3.28 3.60  . 0.279 62.1 0.299 0.047 . 41 . . . . 
'X-RAY DIFFRACTION' . 3.60 4.12  . 0.303 74.8 0.329 0.045 . 53 . . . . 
'X-RAY DIFFRACTION' . 4.12 5.19  . 0.280 87.1 0.303 0.033 . 85 . . . . 
'X-RAY DIFFRACTION' . 5.19 25.10 . 0.437 96.0 0.419 0.045 . 88 . . . . 
# 
_struct.entry_id                  4HIV 
_struct.title                     'Structure of actinomycin D d(ATGCGGCAT) complex' 
_struct.pdbx_model_details        ? 
_struct.pdbx_CASP_flag            ? 
_struct.pdbx_model_type_details   ? 
# 
_struct_keywords.entry_id        4HIV 
_struct_keywords.pdbx_keywords   DNA/ANTIBIOTIC 
_struct_keywords.text            
;Double helix DNA, Nucleotide flipping-out, sharp kink, left-handed twist, CGG tripleat repeat, Neurological disease, DNA-ANTIBIOTIC complex
;
# 
loop_
_struct_asym.id 
_struct_asym.pdbx_blank_PDB_chainid_flag 
_struct_asym.pdbx_modified 
_struct_asym.entity_id 
_struct_asym.details 
A N N 1 ? 
B N N 1 ? 
C N N 2 ? 
D N N 2 ? 
E N N 3 ? 
F N N 3 ? 
G N N 3 ? 
H N N 3 ? 
# 
loop_
_struct_ref.id 
_struct_ref.db_name 
_struct_ref.db_code 
_struct_ref.pdbx_db_accession 
_struct_ref.entity_id 
_struct_ref.pdbx_seq_one_letter_code 
_struct_ref.pdbx_align_begin 
_struct_ref.pdbx_db_isoform 
1 PDB 4HIV     4HIV     1 ATGCGGCAT   ? ? 
2 NOR NOR00228 NOR00228 2 TVPGVXTVPGV ? ? 
# 
loop_
_struct_ref_seq.align_id 
_struct_ref_seq.ref_id 
_struct_ref_seq.pdbx_PDB_id_code 
_struct_ref_seq.pdbx_strand_id 
_struct_ref_seq.seq_align_beg 
_struct_ref_seq.pdbx_seq_align_beg_ins_code 
_struct_ref_seq.seq_align_end 
_struct_ref_seq.pdbx_seq_align_end_ins_code 
_struct_ref_seq.pdbx_db_accession 
_struct_ref_seq.db_align_beg 
_struct_ref_seq.pdbx_db_align_beg_ins_code 
_struct_ref_seq.db_align_end 
_struct_ref_seq.pdbx_db_align_end_ins_code 
_struct_ref_seq.pdbx_auth_seq_align_beg 
_struct_ref_seq.pdbx_auth_seq_align_end 
1 1 4HIV A 1 ? 9  ? 4HIV     1  ? 9  ? 1  9  
2 1 4HIV B 1 ? 9  ? 4HIV     10 ? 18 ? 10 18 
3 2 4HIV C 1 ? 11 ? NOR00228 1  ? 11 ? 1  11 
4 2 4HIV D 1 ? 11 ? NOR00228 1  ? 11 ? 1  11 
# 
_pdbx_struct_assembly.id                   1 
_pdbx_struct_assembly.details              author_defined_assembly 
_pdbx_struct_assembly.method_details       ? 
_pdbx_struct_assembly.oligomeric_details   tetrameric 
_pdbx_struct_assembly.oligomeric_count     4 
# 
_pdbx_struct_assembly_gen.assembly_id       1 
_pdbx_struct_assembly_gen.oper_expression   1 
_pdbx_struct_assembly_gen.asym_id_list      A,B,C,D,E,F,G,H 
# 
_pdbx_struct_oper_list.id                   1 
_pdbx_struct_oper_list.type                 'identity operation' 
_pdbx_struct_oper_list.name                 1_555 
_pdbx_struct_oper_list.symmetry_operation   x,y,z 
_pdbx_struct_oper_list.matrix[1][1]         1.0000000000 
_pdbx_struct_oper_list.matrix[1][2]         0.0000000000 
_pdbx_struct_oper_list.matrix[1][3]         0.0000000000 
_pdbx_struct_oper_list.vector[1]            0.0000000000 
_pdbx_struct_oper_list.matrix[2][1]         0.0000000000 
_pdbx_struct_oper_list.matrix[2][2]         1.0000000000 
_pdbx_struct_oper_list.matrix[2][3]         0.0000000000 
_pdbx_struct_oper_list.vector[2]            0.0000000000 
_pdbx_struct_oper_list.matrix[3][1]         0.0000000000 
_pdbx_struct_oper_list.matrix[3][2]         0.0000000000 
_pdbx_struct_oper_list.matrix[3][3]         1.0000000000 
_pdbx_struct_oper_list.vector[3]            0.0000000000 
# 
_struct_biol.id        1 
_struct_biol.details   ? 
# 
loop_
_struct_conn.id 
_struct_conn.conn_type_id 
_struct_conn.pdbx_leaving_atom_flag 
_struct_conn.pdbx_PDB_id 
_struct_conn.ptnr1_label_asym_id 
_struct_conn.ptnr1_label_comp_id 
_struct_conn.ptnr1_label_seq_id 
_struct_conn.ptnr1_label_atom_id 
_struct_conn.pdbx_ptnr1_label_alt_id 
_struct_conn.pdbx_ptnr1_PDB_ins_code 
_struct_conn.pdbx_ptnr1_standard_comp_id 
_struct_conn.ptnr1_symmetry 
_struct_conn.ptnr2_label_asym_id 
_struct_conn.ptnr2_label_comp_id 
_struct_conn.ptnr2_label_seq_id 
_struct_conn.ptnr2_label_atom_id 
_struct_conn.pdbx_ptnr2_label_alt_id 
_struct_conn.pdbx_ptnr2_PDB_ins_code 
_struct_conn.ptnr1_auth_asym_id 
_struct_conn.ptnr1_auth_comp_id 
_struct_conn.ptnr1_auth_seq_id 
_struct_conn.ptnr2_auth_asym_id 
_struct_conn.ptnr2_auth_comp_id 
_struct_conn.ptnr2_auth_seq_id 
_struct_conn.ptnr2_symmetry 
_struct_conn.pdbx_ptnr3_label_atom_id 
_struct_conn.pdbx_ptnr3_label_seq_id 
_struct_conn.pdbx_ptnr3_label_comp_id 
_struct_conn.pdbx_ptnr3_label_asym_id 
_struct_conn.pdbx_ptnr3_label_alt_id 
_struct_conn.pdbx_ptnr3_PDB_ins_code 
_struct_conn.details 
_struct_conn.pdbx_dist_value 
_struct_conn.pdbx_value_order 
_struct_conn.pdbx_role 
covale1  covale both ? C THR 1  C     ? ? ? 1_555 C DVA 2  N  ? ? C THR 1  C DVA 2  1_555 ? ? ? ? ? ? ?               1.401 ? ? 
covale2  covale one  ? C THR 1  OG1   ? ? ? 1_555 C MVA 5  C  ? ? C THR 1  C MVA 5  1_555 ? ? ? ? ? ? ?               1.360 ? ? 
covale3  covale both ? C THR 1  N     ? ? ? 1_555 C PXZ 6  C0 ? ? C THR 1  C PXZ 6  1_555 ? ? ? ? ? ? ?               1.341 ? ? 
covale4  covale both ? C DVA 2  C     ? ? ? 1_555 C PRO 3  N  ? ? C DVA 2  C PRO 3  1_555 ? ? ? ? ? ? ?               1.329 ? ? 
covale5  covale both ? C PRO 3  C     ? ? ? 1_555 C SAR 4  N  ? ? C PRO 3  C SAR 4  1_555 ? ? ? ? ? ? ?               1.341 ? ? 
covale6  covale both ? C SAR 4  C     ? ? ? 1_555 C MVA 5  N  ? ? C SAR 4  C MVA 5  1_555 ? ? ? ? ? ? ?               1.342 ? ? 
covale7  covale both ? C PXZ 6  "C0'" ? ? ? 1_555 C THR 7  N  ? ? C PXZ 6  C THR 7  1_555 ? ? ? ? ? ? ?               1.342 ? ? 
covale8  covale both ? C THR 7  C     ? ? ? 1_555 C DVA 8  N  ? ? C THR 7  C DVA 8  1_555 ? ? ? ? ? ? ?               1.402 ? ? 
covale9  covale one  ? C THR 7  OG1   ? ? ? 1_555 C MVA 11 C  ? ? C THR 7  C MVA 11 1_555 ? ? ? ? ? ? ?               1.357 ? ? 
covale10 covale both ? C DVA 8  C     ? ? ? 1_555 C PRO 9  N  ? ? C DVA 8  C PRO 9  1_555 ? ? ? ? ? ? ?               1.330 ? ? 
covale11 covale both ? C PRO 9  C     ? ? ? 1_555 C SAR 10 N  ? ? C PRO 9  C SAR 10 1_555 ? ? ? ? ? ? ?               1.340 ? ? 
covale12 covale both ? C SAR 10 C     ? ? ? 1_555 C MVA 11 N  ? ? C SAR 10 C MVA 11 1_555 ? ? ? ? ? ? ?               1.340 ? ? 
covale13 covale both ? D THR 1  C     ? ? ? 1_555 D DVA 2  N  ? ? D THR 1  D DVA 2  1_555 ? ? ? ? ? ? ?               1.402 ? ? 
covale14 covale one  ? D THR 1  OG1   ? ? ? 1_555 D MVA 5  C  ? ? D THR 1  D MVA 5  1_555 ? ? ? ? ? ? ?               1.360 ? ? 
covale15 covale both ? D THR 1  N     ? ? ? 1_555 D PXZ 6  C0 ? ? D THR 1  D PXZ 6  1_555 ? ? ? ? ? ? ?               1.341 ? ? 
covale16 covale both ? D DVA 2  C     ? ? ? 1_555 D PRO 3  N  ? ? D DVA 2  D PRO 3  1_555 ? ? ? ? ? ? ?               1.332 ? ? 
covale17 covale both ? D PRO 3  C     ? ? ? 1_555 D SAR 4  N  ? ? D PRO 3  D SAR 4  1_555 ? ? ? ? ? ? ?               1.340 ? ? 
covale18 covale both ? D SAR 4  C     ? ? ? 1_555 D MVA 5  N  ? ? D SAR 4  D MVA 5  1_555 ? ? ? ? ? ? ?               1.342 ? ? 
covale19 covale both ? D PXZ 6  "C0'" ? ? ? 1_555 D THR 7  N  ? ? D PXZ 6  D THR 7  1_555 ? ? ? ? ? ? ?               1.341 ? ? 
covale20 covale both ? D THR 7  C     ? ? ? 1_555 D DVA 8  N  ? ? D THR 7  D DVA 8  1_555 ? ? ? ? ? ? ?               1.399 ? ? 
covale21 covale one  ? D THR 7  OG1   ? ? ? 1_555 D MVA 11 C  ? ? D THR 7  D MVA 11 1_555 ? ? ? ? ? ? ?               1.361 ? ? 
covale22 covale both ? D DVA 8  C     ? ? ? 1_555 D PRO 9  N  ? ? D DVA 8  D PRO 9  1_555 ? ? ? ? ? ? ?               1.333 ? ? 
covale23 covale both ? D PRO 9  C     ? ? ? 1_555 D SAR 10 N  ? ? D PRO 9  D SAR 10 1_555 ? ? ? ? ? ? ?               1.341 ? ? 
covale24 covale both ? D SAR 10 C     ? ? ? 1_555 D MVA 11 N  ? ? D SAR 10 D MVA 11 1_555 ? ? ? ? ? ? ?               1.344 ? ? 
hydrog1  hydrog ?    ? A DA  1  N1    ? ? ? 1_555 B DT  9  N3 ? ? A DA  1  B DT  18 1_555 ? ? ? ? ? ? 'DA-DT PAIR'    ?     ? ? 
hydrog2  hydrog ?    ? A DT  2  N3    ? ? ? 1_555 B DA  8  N1 ? ? A DT  2  B DA  17 1_555 ? ? ? ? ? ? WATSON-CRICK    ?     ? ? 
hydrog3  hydrog ?    ? A DT  2  O4    ? ? ? 1_555 B DA  8  N6 ? ? A DT  2  B DA  17 1_555 ? ? ? ? ? ? WATSON-CRICK    ?     ? ? 
hydrog4  hydrog ?    ? A DG  3  N1    ? ? ? 1_555 B DC  7  N3 ? ? A DG  3  B DC  16 1_555 ? ? ? ? ? ? WATSON-CRICK    ?     ? ? 
hydrog5  hydrog ?    ? A DG  3  N2    ? ? ? 1_555 B DC  7  O2 ? ? A DG  3  B DC  16 1_555 ? ? ? ? ? ? WATSON-CRICK    ?     ? ? 
hydrog6  hydrog ?    ? A DG  3  O6    ? ? ? 1_555 B DC  7  N4 ? ? A DG  3  B DC  16 1_555 ? ? ? ? ? ? WATSON-CRICK    ?     ? ? 
hydrog7  hydrog ?    ? A DC  4  N4    ? ? ? 1_555 B DG  5  O6 ? ? A DC  4  B DG  14 1_555 ? ? ? ? ? ? 'DC-DG PAIR'    ?     ? ? 
hydrog8  hydrog ?    ? A DG  5  N1    ? ? ? 1_555 B DC  4  N3 ? ? A DG  5  B DC  13 1_555 ? ? ? ? ? ? 'DG-DC PAIR'    ?     ? ? 
hydrog9  hydrog ?    ? A DC  7  N3    ? ? ? 1_555 B DG  3  N1 ? ? A DC  7  B DG  12 1_555 ? ? ? ? ? ? WATSON-CRICK    ?     ? ? 
hydrog10 hydrog ?    ? A DC  7  N4    ? ? ? 1_555 B DG  3  O6 ? ? A DC  7  B DG  12 1_555 ? ? ? ? ? ? WATSON-CRICK    ?     ? ? 
hydrog11 hydrog ?    ? A DC  7  O2    ? ? ? 1_555 B DG  3  N2 ? ? A DC  7  B DG  12 1_555 ? ? ? ? ? ? WATSON-CRICK    ?     ? ? 
hydrog12 hydrog ?    ? A DA  8  N6    ? ? ? 1_555 B DA  1  N1 ? ? A DA  8  B DA  10 1_555 ? ? ? ? ? ? 'DA-DA MISPAIR' ?     ? ? 
hydrog13 hydrog ?    ? A DA  8  N1    ? ? ? 1_555 B DT  2  N3 ? ? A DA  8  B DT  11 1_555 ? ? ? ? ? ? 'DA-DT PAIR'    ?     ? ? 
hydrog14 hydrog ?    ? A DT  9  N3    ? ? ? 1_555 B DA  1  N1 ? ? A DT  9  B DA  10 1_555 ? ? ? ? ? ? WATSON-CRICK    ?     ? ? 
hydrog15 hydrog ?    ? A DT  9  O4    ? ? ? 1_555 B DA  1  N6 ? ? A DT  9  B DA  10 1_555 ? ? ? ? ? ? WATSON-CRICK    ?     ? ? 
# 
loop_
_struct_conn_type.id 
_struct_conn_type.criteria 
_struct_conn_type.reference 
covale ? ? 
hydrog ? ? 
# 
loop_
_pdbx_modification_feature.ordinal 
_pdbx_modification_feature.label_comp_id 
_pdbx_modification_feature.label_asym_id 
_pdbx_modification_feature.label_seq_id 
_pdbx_modification_feature.label_alt_id 
_pdbx_modification_feature.modified_residue_label_comp_id 
_pdbx_modification_feature.modified_residue_label_asym_id 
_pdbx_modification_feature.modified_residue_label_seq_id 
_pdbx_modification_feature.modified_residue_label_alt_id 
_pdbx_modification_feature.auth_comp_id 
_pdbx_modification_feature.auth_asym_id 
_pdbx_modification_feature.auth_seq_id 
_pdbx_modification_feature.PDB_ins_code 
_pdbx_modification_feature.symmetry 
_pdbx_modification_feature.modified_residue_auth_comp_id 
_pdbx_modification_feature.modified_residue_auth_asym_id 
_pdbx_modification_feature.modified_residue_auth_seq_id 
_pdbx_modification_feature.modified_residue_PDB_ins_code 
_pdbx_modification_feature.modified_residue_symmetry 
_pdbx_modification_feature.comp_id_linking_atom 
_pdbx_modification_feature.modified_residue_id_linking_atom 
_pdbx_modification_feature.modified_residue_id 
_pdbx_modification_feature.ref_pcm_id 
_pdbx_modification_feature.ref_comp_id 
_pdbx_modification_feature.type 
_pdbx_modification_feature.category 
1  SAR C 4  ? .   . .  . SAR C 4  ? 1_555 .   . .  . .     .   .  GLY 1 SAR Methylation 'Named protein modification' 
2  MVA C 5  ? .   . .  . MVA C 5  ? 1_555 .   . .  . .     .   .  VAL 1 MVA Methylation 'Named protein modification' 
3  SAR C 10 ? .   . .  . SAR C 10 ? 1_555 .   . .  . .     .   .  GLY 1 SAR Methylation 'Named protein modification' 
4  MVA C 11 ? .   . .  . MVA C 11 ? 1_555 .   . .  . .     .   .  VAL 1 MVA Methylation 'Named protein modification' 
5  SAR D 4  ? .   . .  . SAR D 4  ? 1_555 .   . .  . .     .   .  GLY 1 SAR Methylation 'Named protein modification' 
6  MVA D 5  ? .   . .  . MVA D 5  ? 1_555 .   . .  . .     .   .  VAL 1 MVA Methylation 'Named protein modification' 
7  SAR D 10 ? .   . .  . SAR D 10 ? 1_555 .   . .  . .     .   .  GLY 1 SAR Methylation 'Named protein modification' 
8  MVA D 11 ? .   . .  . MVA D 11 ? 1_555 .   . .  . .     .   .  VAL 1 MVA Methylation 'Named protein modification' 
9  PXZ C 6  ? .   . .  . PXZ C 6  ? 1_555 .   . .  . .     .   .  ?   1 PXZ None        'Non-standard residue'       
10 PXZ D 6  ? .   . .  . PXZ D 6  ? 1_555 .   . .  . .     .   .  ?   1 PXZ None        'Non-standard residue'       
11 THR C 1  ? MVA C 5  ? THR C 1  ? 1_555 MVA C 5  ? 1_555 OG1 C  .   . .   None        'Non-standard linkage'       
12 THR C 1  ? PXZ C 6  ? THR C 1  ? 1_555 PXZ C 6  ? 1_555 N   C0 .   . .   None        'Non-standard linkage'       
13 THR C 7  ? MVA C 11 ? THR C 7  ? 1_555 MVA C 11 ? 1_555 OG1 C  .   . .   None        'Non-standard linkage'       
14 THR D 1  ? MVA D 5  ? THR D 1  ? 1_555 MVA D 5  ? 1_555 OG1 C  .   . .   None        'Non-standard linkage'       
15 THR D 1  ? PXZ D 6  ? THR D 1  ? 1_555 PXZ D 6  ? 1_555 N   C0 .   . .   None        'Non-standard linkage'       
16 THR D 7  ? MVA D 11 ? THR D 7  ? 1_555 MVA D 11 ? 1_555 OG1 C  .   . .   None        'Non-standard linkage'       
# 
loop_
_struct_mon_prot_cis.pdbx_id 
_struct_mon_prot_cis.label_comp_id 
_struct_mon_prot_cis.label_seq_id 
_struct_mon_prot_cis.label_asym_id 
_struct_mon_prot_cis.label_alt_id 
_struct_mon_prot_cis.pdbx_PDB_ins_code 
_struct_mon_prot_cis.auth_comp_id 
_struct_mon_prot_cis.auth_seq_id 
_struct_mon_prot_cis.auth_asym_id 
_struct_mon_prot_cis.pdbx_label_comp_id_2 
_struct_mon_prot_cis.pdbx_label_seq_id_2 
_struct_mon_prot_cis.pdbx_label_asym_id_2 
_struct_mon_prot_cis.pdbx_PDB_ins_code_2 
_struct_mon_prot_cis.pdbx_auth_comp_id_2 
_struct_mon_prot_cis.pdbx_auth_seq_id_2 
_struct_mon_prot_cis.pdbx_auth_asym_id_2 
_struct_mon_prot_cis.pdbx_PDB_model_num 
_struct_mon_prot_cis.pdbx_omega_angle 
1 PRO 3 C . ? PRO 3 C SAR 4  C ? SAR 4  C 1 0.49 
2 PRO 9 C . ? PRO 9 C SAR 10 C ? SAR 10 C 1 1.19 
3 DVA 2 D . ? DVA 2 D PRO 3  D ? PRO 3  D 1 0.84 
4 PRO 3 D . ? PRO 3 D SAR 4  D ? SAR 4  D 1 0.08 
5 DVA 8 D . ? DVA 8 D PRO 9  D ? PRO 9  D 1 1.75 
6 PRO 9 D . ? PRO 9 D SAR 10 D ? SAR 10 D 1 1.71 
# 
loop_
_struct_site.id 
_struct_site.pdbx_evidence_code 
_struct_site.pdbx_auth_asym_id 
_struct_site.pdbx_auth_comp_id 
_struct_site.pdbx_auth_seq_id 
_struct_site.pdbx_auth_ins_code 
_struct_site.pdbx_num_residues 
_struct_site.details 
AC1 Software ? ? ? ? 10 'BINDING SITE FOR CHAIN C OF ACTINOMYCIN D' 
AC2 Software ? ? ? ? 11 'BINDING SITE FOR CHAIN D OF ACTINOMYCIN D' 
1   ?        ? ? ? ? ?  ?                                           
# 
loop_
_struct_site_gen.id 
_struct_site_gen.site_id 
_struct_site_gen.pdbx_num_res 
_struct_site_gen.label_comp_id 
_struct_site_gen.label_asym_id 
_struct_site_gen.label_seq_id 
_struct_site_gen.pdbx_auth_ins_code 
_struct_site_gen.auth_comp_id 
_struct_site_gen.auth_asym_id 
_struct_site_gen.auth_seq_id 
_struct_site_gen.label_atom_id 
_struct_site_gen.label_alt_id 
_struct_site_gen.symmetry 
_struct_site_gen.details 
1  AC1 10 DT  A 2  ? DT  A 2  . ? 1_555 ? 
2  AC1 10 DG  A 3  ? DG  A 3  . ? 1_555 ? 
3  AC1 10 DC  A 4  ? DC  A 4  . ? 1_555 ? 
4  AC1 10 DG  B 5  ? DG  B 14 . ? 1_555 ? 
5  AC1 10 DG  B 6  ? DG  B 15 . ? 1_555 ? 
6  AC1 10 DC  B 7  ? DC  B 16 . ? 1_555 ? 
7  AC1 10 DA  B 8  ? DA  B 17 . ? 1_555 ? 
8  AC1 10 DT  B 9  ? DT  B 18 . ? 1_555 ? 
9  AC1 10 SAR D 4  ? SAR D 4  . ? 1_555 ? 
10 AC1 10 MVA D 5  ? MVA D 5  . ? 1_555 ? 
11 AC2 11 DC  A 4  ? DC  A 4  . ? 1_555 ? 
12 AC2 11 DG  A 5  ? DG  A 5  . ? 1_555 ? 
13 AC2 11 DG  A 6  ? DG  A 6  . ? 1_555 ? 
14 AC2 11 DC  A 7  ? DC  A 7  . ? 1_555 ? 
15 AC2 11 DA  A 8  ? DA  A 8  . ? 1_555 ? 
16 AC2 11 DT  B 2  ? DT  B 11 . ? 1_555 ? 
17 AC2 11 DG  B 3  ? DG  B 12 . ? 1_555 ? 
18 AC2 11 DC  B 4  ? DC  B 13 . ? 1_555 ? 
19 AC2 11 DVA C 2  ? DVA C 2  . ? 1_555 ? 
20 AC2 11 PRO C 9  ? PRO C 9  . ? 1_555 ? 
21 AC2 11 SAR C 10 ? SAR C 10 . ? 1_555 ? 
# 
_pdbx_entry_details.entry_id                   4HIV 
_pdbx_entry_details.compound_details           
;ACTINOMYCIN D IS A BICYCLIC PEPTIDE, A MEMBER OF THE                 
  ACTINOMYCIN FAMILY.
  HERE, ACTINOMYCIN D IS REPRESENTED BY THE SEQUENCE (SEQRES)
;
_pdbx_entry_details.source_details             ? 
_pdbx_entry_details.nonpolymer_details         ? 
_pdbx_entry_details.sequence_details           ? 
_pdbx_entry_details.has_ligand_of_interest     ? 
_pdbx_entry_details.has_protein_modification   Y 
# 
loop_
_pdbx_validate_rmsd_angle.id 
_pdbx_validate_rmsd_angle.PDB_model_num 
_pdbx_validate_rmsd_angle.auth_atom_id_1 
_pdbx_validate_rmsd_angle.auth_asym_id_1 
_pdbx_validate_rmsd_angle.auth_comp_id_1 
_pdbx_validate_rmsd_angle.auth_seq_id_1 
_pdbx_validate_rmsd_angle.PDB_ins_code_1 
_pdbx_validate_rmsd_angle.label_alt_id_1 
_pdbx_validate_rmsd_angle.auth_atom_id_2 
_pdbx_validate_rmsd_angle.auth_asym_id_2 
_pdbx_validate_rmsd_angle.auth_comp_id_2 
_pdbx_validate_rmsd_angle.auth_seq_id_2 
_pdbx_validate_rmsd_angle.PDB_ins_code_2 
_pdbx_validate_rmsd_angle.label_alt_id_2 
_pdbx_validate_rmsd_angle.auth_atom_id_3 
_pdbx_validate_rmsd_angle.auth_asym_id_3 
_pdbx_validate_rmsd_angle.auth_comp_id_3 
_pdbx_validate_rmsd_angle.auth_seq_id_3 
_pdbx_validate_rmsd_angle.PDB_ins_code_3 
_pdbx_validate_rmsd_angle.label_alt_id_3 
_pdbx_validate_rmsd_angle.angle_value 
_pdbx_validate_rmsd_angle.angle_target_value 
_pdbx_validate_rmsd_angle.angle_deviation 
_pdbx_validate_rmsd_angle.angle_standard_deviation 
_pdbx_validate_rmsd_angle.linker_flag 
1 1 C  C DVA 8 ? ? N C PRO 9 ? ? CA C PRO 9 ? ? 129.19 119.30 9.89  1.50 Y 
2 1 CA C PRO 9 ? ? N C PRO 9 ? ? CD C PRO 9 ? ? 102.06 111.70 -9.64 1.40 N 
# 
loop_
_pdbx_validate_torsion.id 
_pdbx_validate_torsion.PDB_model_num 
_pdbx_validate_torsion.auth_comp_id 
_pdbx_validate_torsion.auth_asym_id 
_pdbx_validate_torsion.auth_seq_id 
_pdbx_validate_torsion.PDB_ins_code 
_pdbx_validate_torsion.label_alt_id 
_pdbx_validate_torsion.phi 
_pdbx_validate_torsion.psi 
1 1 DVA C 2 ? ? -46.20 -132.39 
2 1 DVA C 8 ? ? 4.77   -133.96 
3 1 DVA D 8 ? ? 46.21  -108.93 
# 
_pdbx_validate_planes.id              1 
_pdbx_validate_planes.PDB_model_num   1 
_pdbx_validate_planes.auth_comp_id    DA 
_pdbx_validate_planes.auth_asym_id    B 
_pdbx_validate_planes.auth_seq_id     17 
_pdbx_validate_planes.PDB_ins_code    ? 
_pdbx_validate_planes.label_alt_id    ? 
_pdbx_validate_planes.rmsd            0.053 
_pdbx_validate_planes.type            'SIDE CHAIN' 
# 
loop_
_pdbx_validate_main_chain_plane.id 
_pdbx_validate_main_chain_plane.PDB_model_num 
_pdbx_validate_main_chain_plane.auth_comp_id 
_pdbx_validate_main_chain_plane.auth_asym_id 
_pdbx_validate_main_chain_plane.auth_seq_id 
_pdbx_validate_main_chain_plane.PDB_ins_code 
_pdbx_validate_main_chain_plane.label_alt_id 
_pdbx_validate_main_chain_plane.improper_torsion_angle 
1 1 DVA C 2 ? ? 11.50  
2 1 DVA C 8 ? ? 10.00  
3 1 PRO D 9 ? ? -10.34 
# 
_pdbx_molecule_features.prd_id    PRD_000001 
_pdbx_molecule_features.name      'Actinomycin D' 
_pdbx_molecule_features.type      Polypeptide 
_pdbx_molecule_features.class     Antibiotic 
_pdbx_molecule_features.details   
;ACTINOMYCIN D CONSISTS OF TWO PENTAMER                
  RINGS LINKED BY THE CHROMOPHORE (PXZ)
;
# 
loop_
_pdbx_molecule.instance_id 
_pdbx_molecule.prd_id 
_pdbx_molecule.asym_id 
1 PRD_000001 D 
2 PRD_000001 C 
# 
_struct_site_keywords.site_id   1 
_struct_site_keywords.text      INTERCALATION 
# 
_pdbx_struct_special_symmetry.id              1 
_pdbx_struct_special_symmetry.PDB_model_num   1 
_pdbx_struct_special_symmetry.auth_asym_id    C 
_pdbx_struct_special_symmetry.auth_comp_id    HOH 
_pdbx_struct_special_symmetry.auth_seq_id     161 
_pdbx_struct_special_symmetry.PDB_ins_code    ? 
_pdbx_struct_special_symmetry.label_asym_id   G 
_pdbx_struct_special_symmetry.label_comp_id   HOH 
_pdbx_struct_special_symmetry.label_seq_id    . 
# 
loop_
_chem_comp_atom.comp_id 
_chem_comp_atom.atom_id 
_chem_comp_atom.type_symbol 
_chem_comp_atom.pdbx_aromatic_flag 
_chem_comp_atom.pdbx_stereo_config 
_chem_comp_atom.pdbx_ordinal 
DA  OP3    O N N 1   
DA  P      P N N 2   
DA  OP1    O N N 3   
DA  OP2    O N N 4   
DA  "O5'"  O N N 5   
DA  "C5'"  C N N 6   
DA  "C4'"  C N R 7   
DA  "O4'"  O N N 8   
DA  "C3'"  C N S 9   
DA  "O3'"  O N N 10  
DA  "C2'"  C N N 11  
DA  "C1'"  C N R 12  
DA  N9     N Y N 13  
DA  C8     C Y N 14  
DA  N7     N Y N 15  
DA  C5     C Y N 16  
DA  C6     C Y N 17  
DA  N6     N N N 18  
DA  N1     N Y N 19  
DA  C2     C Y N 20  
DA  N3     N Y N 21  
DA  C4     C Y N 22  
DA  HOP3   H N N 23  
DA  HOP2   H N N 24  
DA  "H5'"  H N N 25  
DA  "H5''" H N N 26  
DA  "H4'"  H N N 27  
DA  "H3'"  H N N 28  
DA  "HO3'" H N N 29  
DA  "H2'"  H N N 30  
DA  "H2''" H N N 31  
DA  "H1'"  H N N 32  
DA  H8     H N N 33  
DA  H61    H N N 34  
DA  H62    H N N 35  
DA  H2     H N N 36  
DC  OP3    O N N 37  
DC  P      P N N 38  
DC  OP1    O N N 39  
DC  OP2    O N N 40  
DC  "O5'"  O N N 41  
DC  "C5'"  C N N 42  
DC  "C4'"  C N R 43  
DC  "O4'"  O N N 44  
DC  "C3'"  C N S 45  
DC  "O3'"  O N N 46  
DC  "C2'"  C N N 47  
DC  "C1'"  C N R 48  
DC  N1     N N N 49  
DC  C2     C N N 50  
DC  O2     O N N 51  
DC  N3     N N N 52  
DC  C4     C N N 53  
DC  N4     N N N 54  
DC  C5     C N N 55  
DC  C6     C N N 56  
DC  HOP3   H N N 57  
DC  HOP2   H N N 58  
DC  "H5'"  H N N 59  
DC  "H5''" H N N 60  
DC  "H4'"  H N N 61  
DC  "H3'"  H N N 62  
DC  "HO3'" H N N 63  
DC  "H2'"  H N N 64  
DC  "H2''" H N N 65  
DC  "H1'"  H N N 66  
DC  H41    H N N 67  
DC  H42    H N N 68  
DC  H5     H N N 69  
DC  H6     H N N 70  
DG  OP3    O N N 71  
DG  P      P N N 72  
DG  OP1    O N N 73  
DG  OP2    O N N 74  
DG  "O5'"  O N N 75  
DG  "C5'"  C N N 76  
DG  "C4'"  C N R 77  
DG  "O4'"  O N N 78  
DG  "C3'"  C N S 79  
DG  "O3'"  O N N 80  
DG  "C2'"  C N N 81  
DG  "C1'"  C N R 82  
DG  N9     N Y N 83  
DG  C8     C Y N 84  
DG  N7     N Y N 85  
DG  C5     C Y N 86  
DG  C6     C N N 87  
DG  O6     O N N 88  
DG  N1     N N N 89  
DG  C2     C N N 90  
DG  N2     N N N 91  
DG  N3     N N N 92  
DG  C4     C Y N 93  
DG  HOP3   H N N 94  
DG  HOP2   H N N 95  
DG  "H5'"  H N N 96  
DG  "H5''" H N N 97  
DG  "H4'"  H N N 98  
DG  "H3'"  H N N 99  
DG  "HO3'" H N N 100 
DG  "H2'"  H N N 101 
DG  "H2''" H N N 102 
DG  "H1'"  H N N 103 
DG  H8     H N N 104 
DG  H1     H N N 105 
DG  H21    H N N 106 
DG  H22    H N N 107 
DT  OP3    O N N 108 
DT  P      P N N 109 
DT  OP1    O N N 110 
DT  OP2    O N N 111 
DT  "O5'"  O N N 112 
DT  "C5'"  C N N 113 
DT  "C4'"  C N R 114 
DT  "O4'"  O N N 115 
DT  "C3'"  C N S 116 
DT  "O3'"  O N N 117 
DT  "C2'"  C N N 118 
DT  "C1'"  C N R 119 
DT  N1     N N N 120 
DT  C2     C N N 121 
DT  O2     O N N 122 
DT  N3     N N N 123 
DT  C4     C N N 124 
DT  O4     O N N 125 
DT  C5     C N N 126 
DT  C7     C N N 127 
DT  C6     C N N 128 
DT  HOP3   H N N 129 
DT  HOP2   H N N 130 
DT  "H5'"  H N N 131 
DT  "H5''" H N N 132 
DT  "H4'"  H N N 133 
DT  "H3'"  H N N 134 
DT  "HO3'" H N N 135 
DT  "H2'"  H N N 136 
DT  "H2''" H N N 137 
DT  "H1'"  H N N 138 
DT  H3     H N N 139 
DT  H71    H N N 140 
DT  H72    H N N 141 
DT  H73    H N N 142 
DT  H6     H N N 143 
DVA N      N N N 144 
DVA CA     C N R 145 
DVA CB     C N N 146 
DVA CG1    C N N 147 
DVA CG2    C N N 148 
DVA C      C N N 149 
DVA O      O N N 150 
DVA OXT    O N N 151 
DVA H      H N N 152 
DVA H2     H N N 153 
DVA HA     H N N 154 
DVA HB     H N N 155 
DVA HG11   H N N 156 
DVA HG12   H N N 157 
DVA HG13   H N N 158 
DVA HG21   H N N 159 
DVA HG22   H N N 160 
DVA HG23   H N N 161 
DVA HXT    H N N 162 
HOH O      O N N 163 
HOH H1     H N N 164 
HOH H2     H N N 165 
MVA N      N N N 166 
MVA CN     C N N 167 
MVA CA     C N S 168 
MVA CB     C N N 169 
MVA CG1    C N N 170 
MVA CG2    C N N 171 
MVA C      C N N 172 
MVA O      O N N 173 
MVA OXT    O N N 174 
MVA H      H N N 175 
MVA HN1    H N N 176 
MVA HN2    H N N 177 
MVA HN3    H N N 178 
MVA HA     H N N 179 
MVA HB     H N N 180 
MVA HG11   H N N 181 
MVA HG12   H N N 182 
MVA HG13   H N N 183 
MVA HG21   H N N 184 
MVA HG22   H N N 185 
MVA HG23   H N N 186 
MVA HXT    H N N 187 
PRO N      N N N 188 
PRO CA     C N S 189 
PRO C      C N N 190 
PRO O      O N N 191 
PRO CB     C N N 192 
PRO CG     C N N 193 
PRO CD     C N N 194 
PRO OXT    O N N 195 
PRO H      H N N 196 
PRO HA     H N N 197 
PRO HB2    H N N 198 
PRO HB3    H N N 199 
PRO HG2    H N N 200 
PRO HG3    H N N 201 
PRO HD2    H N N 202 
PRO HD3    H N N 203 
PRO HXT    H N N 204 
PXZ C1     C N N 205 
PXZ C0     C N N 206 
PXZ O1     O N N 207 
PXZ C2     C N N 208 
PXZ N2     N N N 209 
PXZ C3     C N N 210 
PXZ O3     O N N 211 
PXZ C4     C N N 212 
PXZ O5     O N N 213 
PXZ C6     C Y N 214 
PXZ C7     C Y N 215 
PXZ C8     C Y N 216 
PXZ C9     C Y N 217 
PXZ "C0'"  C N N 218 
PXZ "O1'"  O N N 219 
PXZ N10    N N N 220 
PXZ C11    C N N 221 
PXZ C12    C N N 222 
PXZ C13    C Y N 223 
PXZ C14    C Y N 224 
PXZ C15    C N N 225 
PXZ C16    C N N 226 
PXZ HN21   H N N 227 
PXZ HN22   H N N 228 
PXZ H7     H N N 229 
PXZ H8     H N N 230 
PXZ H151   H N N 231 
PXZ H152   H N N 232 
PXZ H153   H N N 233 
PXZ H161   H N N 234 
PXZ H162   H N N 235 
PXZ H163   H N N 236 
PXZ "OXT'" O N N 237 
PXZ OXT    O N N 238 
PXZ "HXT'" H N N 239 
PXZ HXT    H N N 240 
SAR N      N N N 241 
SAR CA     C N N 242 
SAR C      C N N 243 
SAR O      O N N 244 
SAR CN     C N N 245 
SAR OXT    O N N 246 
SAR H      H N N 247 
SAR HA2    H N N 248 
SAR HA3    H N N 249 
SAR HN1    H N N 250 
SAR HN2    H N N 251 
SAR HN3    H N N 252 
SAR HXT    H N N 253 
THR N      N N N 254 
THR CA     C N S 255 
THR C      C N N 256 
THR O      O N N 257 
THR CB     C N R 258 
THR OG1    O N N 259 
THR CG2    C N N 260 
THR OXT    O N N 261 
THR H      H N N 262 
THR H2     H N N 263 
THR HA     H N N 264 
THR HB     H N N 265 
THR HG1    H N N 266 
THR HG21   H N N 267 
THR HG22   H N N 268 
THR HG23   H N N 269 
THR HXT    H N N 270 
# 
loop_
_chem_comp_bond.comp_id 
_chem_comp_bond.atom_id_1 
_chem_comp_bond.atom_id_2 
_chem_comp_bond.value_order 
_chem_comp_bond.pdbx_aromatic_flag 
_chem_comp_bond.pdbx_stereo_config 
_chem_comp_bond.pdbx_ordinal 
DA  OP3    P      sing N N 1   
DA  OP3    HOP3   sing N N 2   
DA  P      OP1    doub N N 3   
DA  P      OP2    sing N N 4   
DA  P      "O5'"  sing N N 5   
DA  OP2    HOP2   sing N N 6   
DA  "O5'"  "C5'"  sing N N 7   
DA  "C5'"  "C4'"  sing N N 8   
DA  "C5'"  "H5'"  sing N N 9   
DA  "C5'"  "H5''" sing N N 10  
DA  "C4'"  "O4'"  sing N N 11  
DA  "C4'"  "C3'"  sing N N 12  
DA  "C4'"  "H4'"  sing N N 13  
DA  "O4'"  "C1'"  sing N N 14  
DA  "C3'"  "O3'"  sing N N 15  
DA  "C3'"  "C2'"  sing N N 16  
DA  "C3'"  "H3'"  sing N N 17  
DA  "O3'"  "HO3'" sing N N 18  
DA  "C2'"  "C1'"  sing N N 19  
DA  "C2'"  "H2'"  sing N N 20  
DA  "C2'"  "H2''" sing N N 21  
DA  "C1'"  N9     sing N N 22  
DA  "C1'"  "H1'"  sing N N 23  
DA  N9     C8     sing Y N 24  
DA  N9     C4     sing Y N 25  
DA  C8     N7     doub Y N 26  
DA  C8     H8     sing N N 27  
DA  N7     C5     sing Y N 28  
DA  C5     C6     sing Y N 29  
DA  C5     C4     doub Y N 30  
DA  C6     N6     sing N N 31  
DA  C6     N1     doub Y N 32  
DA  N6     H61    sing N N 33  
DA  N6     H62    sing N N 34  
DA  N1     C2     sing Y N 35  
DA  C2     N3     doub Y N 36  
DA  C2     H2     sing N N 37  
DA  N3     C4     sing Y N 38  
DC  OP3    P      sing N N 39  
DC  OP3    HOP3   sing N N 40  
DC  P      OP1    doub N N 41  
DC  P      OP2    sing N N 42  
DC  P      "O5'"  sing N N 43  
DC  OP2    HOP2   sing N N 44  
DC  "O5'"  "C5'"  sing N N 45  
DC  "C5'"  "C4'"  sing N N 46  
DC  "C5'"  "H5'"  sing N N 47  
DC  "C5'"  "H5''" sing N N 48  
DC  "C4'"  "O4'"  sing N N 49  
DC  "C4'"  "C3'"  sing N N 50  
DC  "C4'"  "H4'"  sing N N 51  
DC  "O4'"  "C1'"  sing N N 52  
DC  "C3'"  "O3'"  sing N N 53  
DC  "C3'"  "C2'"  sing N N 54  
DC  "C3'"  "H3'"  sing N N 55  
DC  "O3'"  "HO3'" sing N N 56  
DC  "C2'"  "C1'"  sing N N 57  
DC  "C2'"  "H2'"  sing N N 58  
DC  "C2'"  "H2''" sing N N 59  
DC  "C1'"  N1     sing N N 60  
DC  "C1'"  "H1'"  sing N N 61  
DC  N1     C2     sing N N 62  
DC  N1     C6     sing N N 63  
DC  C2     O2     doub N N 64  
DC  C2     N3     sing N N 65  
DC  N3     C4     doub N N 66  
DC  C4     N4     sing N N 67  
DC  C4     C5     sing N N 68  
DC  N4     H41    sing N N 69  
DC  N4     H42    sing N N 70  
DC  C5     C6     doub N N 71  
DC  C5     H5     sing N N 72  
DC  C6     H6     sing N N 73  
DG  OP3    P      sing N N 74  
DG  OP3    HOP3   sing N N 75  
DG  P      OP1    doub N N 76  
DG  P      OP2    sing N N 77  
DG  P      "O5'"  sing N N 78  
DG  OP2    HOP2   sing N N 79  
DG  "O5'"  "C5'"  sing N N 80  
DG  "C5'"  "C4'"  sing N N 81  
DG  "C5'"  "H5'"  sing N N 82  
DG  "C5'"  "H5''" sing N N 83  
DG  "C4'"  "O4'"  sing N N 84  
DG  "C4'"  "C3'"  sing N N 85  
DG  "C4'"  "H4'"  sing N N 86  
DG  "O4'"  "C1'"  sing N N 87  
DG  "C3'"  "O3'"  sing N N 88  
DG  "C3'"  "C2'"  sing N N 89  
DG  "C3'"  "H3'"  sing N N 90  
DG  "O3'"  "HO3'" sing N N 91  
DG  "C2'"  "C1'"  sing N N 92  
DG  "C2'"  "H2'"  sing N N 93  
DG  "C2'"  "H2''" sing N N 94  
DG  "C1'"  N9     sing N N 95  
DG  "C1'"  "H1'"  sing N N 96  
DG  N9     C8     sing Y N 97  
DG  N9     C4     sing Y N 98  
DG  C8     N7     doub Y N 99  
DG  C8     H8     sing N N 100 
DG  N7     C5     sing Y N 101 
DG  C5     C6     sing N N 102 
DG  C5     C4     doub Y N 103 
DG  C6     O6     doub N N 104 
DG  C6     N1     sing N N 105 
DG  N1     C2     sing N N 106 
DG  N1     H1     sing N N 107 
DG  C2     N2     sing N N 108 
DG  C2     N3     doub N N 109 
DG  N2     H21    sing N N 110 
DG  N2     H22    sing N N 111 
DG  N3     C4     sing N N 112 
DT  OP3    P      sing N N 113 
DT  OP3    HOP3   sing N N 114 
DT  P      OP1    doub N N 115 
DT  P      OP2    sing N N 116 
DT  P      "O5'"  sing N N 117 
DT  OP2    HOP2   sing N N 118 
DT  "O5'"  "C5'"  sing N N 119 
DT  "C5'"  "C4'"  sing N N 120 
DT  "C5'"  "H5'"  sing N N 121 
DT  "C5'"  "H5''" sing N N 122 
DT  "C4'"  "O4'"  sing N N 123 
DT  "C4'"  "C3'"  sing N N 124 
DT  "C4'"  "H4'"  sing N N 125 
DT  "O4'"  "C1'"  sing N N 126 
DT  "C3'"  "O3'"  sing N N 127 
DT  "C3'"  "C2'"  sing N N 128 
DT  "C3'"  "H3'"  sing N N 129 
DT  "O3'"  "HO3'" sing N N 130 
DT  "C2'"  "C1'"  sing N N 131 
DT  "C2'"  "H2'"  sing N N 132 
DT  "C2'"  "H2''" sing N N 133 
DT  "C1'"  N1     sing N N 134 
DT  "C1'"  "H1'"  sing N N 135 
DT  N1     C2     sing N N 136 
DT  N1     C6     sing N N 137 
DT  C2     O2     doub N N 138 
DT  C2     N3     sing N N 139 
DT  N3     C4     sing N N 140 
DT  N3     H3     sing N N 141 
DT  C4     O4     doub N N 142 
DT  C4     C5     sing N N 143 
DT  C5     C7     sing N N 144 
DT  C5     C6     doub N N 145 
DT  C7     H71    sing N N 146 
DT  C7     H72    sing N N 147 
DT  C7     H73    sing N N 148 
DT  C6     H6     sing N N 149 
DVA N      CA     sing N N 150 
DVA N      H      sing N N 151 
DVA N      H2     sing N N 152 
DVA CA     CB     sing N N 153 
DVA CA     C      sing N N 154 
DVA CA     HA     sing N N 155 
DVA CB     CG1    sing N N 156 
DVA CB     CG2    sing N N 157 
DVA CB     HB     sing N N 158 
DVA CG1    HG11   sing N N 159 
DVA CG1    HG12   sing N N 160 
DVA CG1    HG13   sing N N 161 
DVA CG2    HG21   sing N N 162 
DVA CG2    HG22   sing N N 163 
DVA CG2    HG23   sing N N 164 
DVA C      O      doub N N 165 
DVA C      OXT    sing N N 166 
DVA OXT    HXT    sing N N 167 
HOH O      H1     sing N N 168 
HOH O      H2     sing N N 169 
MVA N      CN     sing N N 170 
MVA N      CA     sing N N 171 
MVA N      H      sing N N 172 
MVA CN     HN1    sing N N 173 
MVA CN     HN2    sing N N 174 
MVA CN     HN3    sing N N 175 
MVA CA     CB     sing N N 176 
MVA CA     C      sing N N 177 
MVA CA     HA     sing N N 178 
MVA CB     CG1    sing N N 179 
MVA CB     CG2    sing N N 180 
MVA CB     HB     sing N N 181 
MVA CG1    HG11   sing N N 182 
MVA CG1    HG12   sing N N 183 
MVA CG1    HG13   sing N N 184 
MVA CG2    HG21   sing N N 185 
MVA CG2    HG22   sing N N 186 
MVA CG2    HG23   sing N N 187 
MVA C      O      doub N N 188 
MVA C      OXT    sing N N 189 
MVA OXT    HXT    sing N N 190 
PRO N      CA     sing N N 191 
PRO N      CD     sing N N 192 
PRO N      H      sing N N 193 
PRO CA     C      sing N N 194 
PRO CA     CB     sing N N 195 
PRO CA     HA     sing N N 196 
PRO C      O      doub N N 197 
PRO C      OXT    sing N N 198 
PRO CB     CG     sing N N 199 
PRO CB     HB2    sing N N 200 
PRO CB     HB3    sing N N 201 
PRO CG     CD     sing N N 202 
PRO CG     HG2    sing N N 203 
PRO CG     HG3    sing N N 204 
PRO CD     HD2    sing N N 205 
PRO CD     HD3    sing N N 206 
PRO OXT    HXT    sing N N 207 
PXZ C1     C0     sing N N 208 
PXZ C1     C2     doub N N 209 
PXZ C1     C11    sing N N 210 
PXZ C0     O1     doub N N 211 
PXZ C2     N2     sing N N 212 
PXZ C2     C3     sing N N 213 
PXZ N2     HN21   sing N N 214 
PXZ N2     HN22   sing N N 215 
PXZ C3     O3     doub N N 216 
PXZ C3     C4     sing N N 217 
PXZ C4     C12    doub N N 218 
PXZ C4     C15    sing N N 219 
PXZ O5     C12    sing N N 220 
PXZ O5     C13    sing N N 221 
PXZ C6     C7     doub Y N 222 
PXZ C6     C13    sing Y N 223 
PXZ C6     C16    sing N N 224 
PXZ C7     C8     sing Y N 225 
PXZ C7     H7     sing N N 226 
PXZ C8     C9     doub Y N 227 
PXZ C8     H8     sing N N 228 
PXZ C9     "C0'"  sing N N 229 
PXZ C9     C14    sing Y N 230 
PXZ "C0'"  "O1'"  doub N N 231 
PXZ N10    C11    doub N N 232 
PXZ N10    C14    sing N N 233 
PXZ C11    C12    sing N N 234 
PXZ C13    C14    doub Y N 235 
PXZ C15    H151   sing N N 236 
PXZ C15    H152   sing N N 237 
PXZ C15    H153   sing N N 238 
PXZ C16    H161   sing N N 239 
PXZ C16    H162   sing N N 240 
PXZ C16    H163   sing N N 241 
PXZ "C0'"  "OXT'" sing N N 242 
PXZ C0     OXT    sing N N 243 
PXZ "OXT'" "HXT'" sing N N 244 
PXZ OXT    HXT    sing N N 245 
SAR N      CA     sing N N 246 
SAR N      CN     sing N N 247 
SAR N      H      sing N N 248 
SAR CA     C      sing N N 249 
SAR CA     HA2    sing N N 250 
SAR CA     HA3    sing N N 251 
SAR C      O      doub N N 252 
SAR C      OXT    sing N N 253 
SAR CN     HN1    sing N N 254 
SAR CN     HN2    sing N N 255 
SAR CN     HN3    sing N N 256 
SAR OXT    HXT    sing N N 257 
THR N      CA     sing N N 258 
THR N      H      sing N N 259 
THR N      H2     sing N N 260 
THR CA     C      sing N N 261 
THR CA     CB     sing N N 262 
THR CA     HA     sing N N 263 
THR C      O      doub N N 264 
THR C      OXT    sing N N 265 
THR CB     OG1    sing N N 266 
THR CB     CG2    sing N N 267 
THR CB     HB     sing N N 268 
THR OG1    HG1    sing N N 269 
THR CG2    HG21   sing N N 270 
THR CG2    HG22   sing N N 271 
THR CG2    HG23   sing N N 272 
THR OXT    HXT    sing N N 273 
# 
loop_
_ndb_struct_conf_na.entry_id 
_ndb_struct_conf_na.feature 
4HIV 'double helix'         
4HIV 'mismatched base pair' 
# 
loop_
_ndb_struct_na_base_pair.model_number 
_ndb_struct_na_base_pair.i_label_asym_id 
_ndb_struct_na_base_pair.i_label_comp_id 
_ndb_struct_na_base_pair.i_label_seq_id 
_ndb_struct_na_base_pair.i_symmetry 
_ndb_struct_na_base_pair.j_label_asym_id 
_ndb_struct_na_base_pair.j_label_comp_id 
_ndb_struct_na_base_pair.j_label_seq_id 
_ndb_struct_na_base_pair.j_symmetry 
_ndb_struct_na_base_pair.shear 
_ndb_struct_na_base_pair.stretch 
_ndb_struct_na_base_pair.stagger 
_ndb_struct_na_base_pair.buckle 
_ndb_struct_na_base_pair.propeller 
_ndb_struct_na_base_pair.opening 
_ndb_struct_na_base_pair.pair_number 
_ndb_struct_na_base_pair.pair_name 
_ndb_struct_na_base_pair.i_auth_asym_id 
_ndb_struct_na_base_pair.i_auth_seq_id 
_ndb_struct_na_base_pair.i_PDB_ins_code 
_ndb_struct_na_base_pair.j_auth_asym_id 
_ndb_struct_na_base_pair.j_auth_seq_id 
_ndb_struct_na_base_pair.j_PDB_ins_code 
_ndb_struct_na_base_pair.hbond_type_28 
_ndb_struct_na_base_pair.hbond_type_12 
1 A DT 2 1_555 B DA 8 1_555 -0.286 -0.073 0.887  -16.168 -13.619 -3.863  1 A_DT2:DA17_B A 2 ? B 17 ? 20 1 
1 A DG 3 1_555 B DC 7 1_555 -0.405 -0.418 1.229  9.747   19.646  3.074   2 A_DG3:DC16_B A 3 ? B 16 ? 19 1 
1 A DG 5 1_555 B DC 4 1_555 0.075  -0.148 0.490  8.317   17.297  -16.605 3 A_DG5:DC13_B A 5 ? B 13 ? ?  1 
1 A DC 7 1_555 B DG 3 1_555 -0.652 -0.040 -0.743 14.848  16.452  -6.018  4 A_DC7:DG12_B A 7 ? B 12 ? 19 1 
1 A DA 8 1_555 B DT 2 1_555 0.107  0.256  0.664  37.263  -17.381 8.832   5 A_DA8:DT11_B A 8 ? B 11 ? 20 1 
1 A DT 9 1_555 B DA 1 1_555 -1.415 -0.509 0.942  27.717  -14.962 9.803   6 A_DT9:DA10_B A 9 ? B 10 ? 20 1 
# 
loop_
_ndb_struct_na_base_pair_step.model_number 
_ndb_struct_na_base_pair_step.i_label_asym_id_1 
_ndb_struct_na_base_pair_step.i_label_comp_id_1 
_ndb_struct_na_base_pair_step.i_label_seq_id_1 
_ndb_struct_na_base_pair_step.i_symmetry_1 
_ndb_struct_na_base_pair_step.j_label_asym_id_1 
_ndb_struct_na_base_pair_step.j_label_comp_id_1 
_ndb_struct_na_base_pair_step.j_label_seq_id_1 
_ndb_struct_na_base_pair_step.j_symmetry_1 
_ndb_struct_na_base_pair_step.i_label_asym_id_2 
_ndb_struct_na_base_pair_step.i_label_comp_id_2 
_ndb_struct_na_base_pair_step.i_label_seq_id_2 
_ndb_struct_na_base_pair_step.i_symmetry_2 
_ndb_struct_na_base_pair_step.j_label_asym_id_2 
_ndb_struct_na_base_pair_step.j_label_comp_id_2 
_ndb_struct_na_base_pair_step.j_label_seq_id_2 
_ndb_struct_na_base_pair_step.j_symmetry_2 
_ndb_struct_na_base_pair_step.shift 
_ndb_struct_na_base_pair_step.slide 
_ndb_struct_na_base_pair_step.rise 
_ndb_struct_na_base_pair_step.tilt 
_ndb_struct_na_base_pair_step.roll 
_ndb_struct_na_base_pair_step.twist 
_ndb_struct_na_base_pair_step.x_displacement 
_ndb_struct_na_base_pair_step.y_displacement 
_ndb_struct_na_base_pair_step.helical_rise 
_ndb_struct_na_base_pair_step.inclination 
_ndb_struct_na_base_pair_step.tip 
_ndb_struct_na_base_pair_step.helical_twist 
_ndb_struct_na_base_pair_step.step_number 
_ndb_struct_na_base_pair_step.step_name 
_ndb_struct_na_base_pair_step.i_auth_asym_id_1 
_ndb_struct_na_base_pair_step.i_auth_seq_id_1 
_ndb_struct_na_base_pair_step.i_PDB_ins_code_1 
_ndb_struct_na_base_pair_step.j_auth_asym_id_1 
_ndb_struct_na_base_pair_step.j_auth_seq_id_1 
_ndb_struct_na_base_pair_step.j_PDB_ins_code_1 
_ndb_struct_na_base_pair_step.i_auth_asym_id_2 
_ndb_struct_na_base_pair_step.i_auth_seq_id_2 
_ndb_struct_na_base_pair_step.i_PDB_ins_code_2 
_ndb_struct_na_base_pair_step.j_auth_asym_id_2 
_ndb_struct_na_base_pair_step.j_auth_seq_id_2 
_ndb_struct_na_base_pair_step.j_PDB_ins_code_2 
1 A DT 2 1_555 B DA 8 1_555 A DG 3 1_555 B DC 7 1_555 1.310 1.644  3.207 -5.478 -1.933 32.186 3.232  -3.211 2.850 -3.451 9.782   
32.693 1 AA_DT2DG3:DC16DA17_BB A 2 ? B 17 ? A 3 ? B 16 ? 
1 A DG 5 1_555 B DC 4 1_555 A DC 7 1_555 B DG 3 1_555 0.957 2.950  6.789 12.259 9.231  4.652  -7.315 20.327 4.405 44.055 -58.505 
16.032 2 AA_DG5DC7:DG12DC13_BB A 5 ? B 13 ? A 7 ? B 12 ? 
1 A DC 7 1_555 B DG 3 1_555 A DA 8 1_555 B DT 2 1_555 0.055 1.864  2.908 -0.372 3.033  36.610 2.581  -0.134 3.046 4.817  0.591   
36.733 3 AA_DC7DA8:DT11DG12_BB A 7 ? B 12 ? A 8 ? B 11 ? 
1 A DA 8 1_555 B DT 2 1_555 A DT 9 1_555 B DA 1 1_555 0.907 -1.382 3.393 -6.506 0.190  29.911 -2.656 -3.016 3.122 0.362  12.420  
30.595 4 AA_DA8DT9:DA10DT11_BB A 8 ? B 11 ? A 9 ? B 10 ? 
# 
_atom_sites.entry_id                    4HIV 
_atom_sites.fract_transf_matrix[1][1]   -0.01172922 
_atom_sites.fract_transf_matrix[1][2]   0.00623206 
_atom_sites.fract_transf_matrix[1][3]   0.00009375 
_atom_sites.fract_transf_matrix[2][1]   -0.00422823 
_atom_sites.fract_transf_matrix[2][2]   0.00602942 
_atom_sites.fract_transf_matrix[2][3]   0.01105349 
_atom_sites.fract_transf_matrix[3][1]   0.00898331 
_atom_sites.fract_transf_matrix[3][2]   0.01699505 
_atom_sites.fract_transf_matrix[3][3]   -0.00583406 
_atom_sites.fract_transf_vector[1]      0.175763 
_atom_sites.fract_transf_vector[2]      0.724073 
_atom_sites.fract_transf_vector[3]      0.191269 
# 
loop_
_atom_type.symbol 
C 
N 
O 
P 
# 
loop_
_atom_site.group_PDB 
_atom_site.id 
_atom_site.type_symbol 
_atom_site.label_atom_id 
_atom_site.label_alt_id 
_atom_site.label_comp_id 
_atom_site.label_asym_id 
_atom_site.label_entity_id 
_atom_site.label_seq_id 
_atom_site.pdbx_PDB_ins_code 
_atom_site.Cartn_x 
_atom_site.Cartn_y 
_atom_site.Cartn_z 
_atom_site.occupancy 
_atom_site.B_iso_or_equiv 
_atom_site.pdbx_formal_charge 
_atom_site.auth_seq_id 
_atom_site.auth_comp_id 
_atom_site.auth_asym_id 
_atom_site.auth_atom_id 
_atom_site.pdbx_PDB_model_num 
ATOM   1   O "O5'" . DA  A 1 1  ? 3.741   -15.165 -14.917 1.00 21.81 ? 1   DA  A "O5'" 1 
ATOM   2   C "C5'" . DA  A 1 1  ? 2.407   -15.203 -15.446 1.00 18.82 ? 1   DA  A "C5'" 1 
ATOM   3   C "C4'" . DA  A 1 1  ? 1.438   -14.494 -14.530 1.00 15.28 ? 1   DA  A "C4'" 1 
ATOM   4   O "O4'" . DA  A 1 1  ? 1.317   -15.221 -13.283 1.00 14.53 ? 1   DA  A "O4'" 1 
ATOM   5   C "C3'" . DA  A 1 1  ? 1.873   -13.082 -14.144 1.00 14.70 ? 1   DA  A "C3'" 1 
ATOM   6   O "O3'" . DA  A 1 1  ? 0.694   -12.287 -13.996 1.00 15.06 ? 1   DA  A "O3'" 1 
ATOM   7   C "C2'" . DA  A 1 1  ? 2.545   -13.293 -12.798 1.00 15.05 ? 1   DA  A "C2'" 1 
ATOM   8   C "C1'" . DA  A 1 1  ? 1.666   -14.378 -12.198 1.00 16.42 ? 1   DA  A "C1'" 1 
ATOM   9   N N9    . DA  A 1 1  ? 2.268   -15.202 -11.139 1.00 19.13 ? 1   DA  A N9    1 
ATOM   10  C C8    . DA  A 1 1  ? 3.549   -15.690 -11.060 1.00 20.28 ? 1   DA  A C8    1 
ATOM   11  N N7    . DA  A 1 1  ? 3.803   -16.341 -9.946  1.00 20.61 ? 1   DA  A N7    1 
ATOM   12  C C5    . DA  A 1 1  ? 2.606   -16.288 -9.251  1.00 21.17 ? 1   DA  A C5    1 
ATOM   13  C C6    . DA  A 1 1  ? 2.224   -16.776 -7.983  1.00 23.14 ? 1   DA  A C6    1 
ATOM   14  N N6    . DA  A 1 1  ? 3.056   -17.406 -7.155  1.00 24.52 ? 1   DA  A N6    1 
ATOM   15  N N1    . DA  A 1 1  ? 0.948   -16.583 -7.586  1.00 22.94 ? 1   DA  A N1    1 
ATOM   16  C C2    . DA  A 1 1  ? 0.120   -15.929 -8.409  1.00 22.71 ? 1   DA  A C2    1 
ATOM   17  N N3    . DA  A 1 1  ? 0.363   -15.402 -9.618  1.00 22.03 ? 1   DA  A N3    1 
ATOM   18  C C4    . DA  A 1 1  ? 1.642   -15.616 -9.983  1.00 20.91 ? 1   DA  A C4    1 
ATOM   19  P P     . DT  A 1 2  ? 0.787   -10.690 -14.090 1.00 14.97 ? 2   DT  A P     1 
ATOM   20  O OP1   . DT  A 1 2  ? -0.478  -10.208 -14.717 1.00 12.84 ? 2   DT  A OP1   1 
ATOM   21  O OP2   . DT  A 1 2  ? 2.104   -10.350 -14.713 1.00 16.39 ? 2   DT  A OP2   1 
ATOM   22  O "O5'" . DT  A 1 2  ? 0.846   -10.246 -12.561 1.00 13.51 ? 2   DT  A "O5'" 1 
ATOM   23  C "C5'" . DT  A 1 2  ? -0.272  -9.658  -11.914 1.00 13.52 ? 2   DT  A "C5'" 1 
ATOM   24  C "C4'" . DT  A 1 2  ? -1.279  -10.720 -11.536 1.00 12.43 ? 2   DT  A "C4'" 1 
ATOM   25  O "O4'" . DT  A 1 2  ? -0.616  -11.874 -10.962 1.00 13.11 ? 2   DT  A "O4'" 1 
ATOM   26  C "C3'" . DT  A 1 2  ? -2.298  -10.270 -10.497 1.00 13.32 ? 2   DT  A "C3'" 1 
ATOM   27  O "O3'" . DT  A 1 2  ? -3.575  -10.861 -10.775 1.00 11.27 ? 2   DT  A "O3'" 1 
ATOM   28  C "C2'" . DT  A 1 2  ? -1.719  -10.796 -9.194  1.00 12.60 ? 2   DT  A "C2'" 1 
ATOM   29  C "C1'" . DT  A 1 2  ? -1.064  -12.095 -9.635  1.00 11.93 ? 2   DT  A "C1'" 1 
ATOM   30  N N1    . DT  A 1 2  ? 0.111   -12.446 -8.830  1.00 12.22 ? 2   DT  A N1    1 
ATOM   31  C C2    . DT  A 1 2  ? -0.079  -12.987 -7.581  1.00 12.99 ? 2   DT  A C2    1 
ATOM   32  O O2    . DT  A 1 2  ? -1.182  -13.208 -7.102  1.00 14.42 ? 2   DT  A O2    1 
ATOM   33  N N3    . DT  A 1 2  ? 1.079   -13.264 -6.899  1.00 13.47 ? 2   DT  A N3    1 
ATOM   34  C C4    . DT  A 1 2  ? 2.372   -13.045 -7.324  1.00 11.52 ? 2   DT  A C4    1 
ATOM   35  O O4    . DT  A 1 2  ? 3.310   -13.327 -6.587  1.00 13.30 ? 2   DT  A O4    1 
ATOM   36  C C5    . DT  A 1 2  ? 2.493   -12.472 -8.654  1.00 11.92 ? 2   DT  A C5    1 
ATOM   37  C C7    . DT  A 1 2  ? 3.852   -12.185 -9.209  1.00 8.98  ? 2   DT  A C7    1 
ATOM   38  C C6    . DT  A 1 2  ? 1.370   -12.217 -9.330  1.00 11.23 ? 2   DT  A C6    1 
ATOM   39  P P     . DG  A 1 3  ? -4.847  -9.914  -11.022 1.00 10.09 ? 3   DG  A P     1 
ATOM   40  O OP1   . DG  A 1 3  ? -6.085  -10.717 -10.856 1.00 13.83 ? 3   DG  A OP1   1 
ATOM   41  O OP2   . DG  A 1 3  ? -4.605  -9.171  -12.282 1.00 10.36 ? 3   DG  A OP2   1 
ATOM   42  O "O5'" . DG  A 1 3  ? -4.784  -8.873  -9.830  1.00 6.67  ? 3   DG  A "O5'" 1 
ATOM   43  C "C5'" . DG  A 1 3  ? -5.190  -9.255  -8.535  1.00 8.19  ? 3   DG  A "C5'" 1 
ATOM   44  C "C4'" . DG  A 1 3  ? -4.670  -8.263  -7.526  1.00 10.45 ? 3   DG  A "C4'" 1 
ATOM   45  O "O4'" . DG  A 1 3  ? -3.348  -8.650  -7.070  1.00 9.47  ? 3   DG  A "O4'" 1 
ATOM   46  C "C3'" . DG  A 1 3  ? -4.541  -6.832  -8.058  1.00 10.64 ? 3   DG  A "C3'" 1 
ATOM   47  O "O3'" . DG  A 1 3  ? -4.997  -5.883  -7.084  1.00 9.75  ? 3   DG  A "O3'" 1 
ATOM   48  C "C2'" . DG  A 1 3  ? -3.046  -6.674  -8.268  1.00 10.11 ? 3   DG  A "C2'" 1 
ATOM   49  C "C1'" . DG  A 1 3  ? -2.496  -7.525  -7.137  1.00 10.64 ? 3   DG  A "C1'" 1 
ATOM   50  N N9    . DG  A 1 3  ? -1.127  -7.994  -7.330  1.00 10.57 ? 3   DG  A N9    1 
ATOM   51  C C8    . DG  A 1 3  ? -0.353  -7.863  -8.462  1.00 11.81 ? 3   DG  A C8    1 
ATOM   52  N N7    . DG  A 1 3  ? 0.848   -8.351  -8.319  1.00 11.65 ? 3   DG  A N7    1 
ATOM   53  C C5    . DG  A 1 3  ? 0.865   -8.849  -7.020  1.00 10.64 ? 3   DG  A C5    1 
ATOM   54  C C6    . DG  A 1 3  ? 1.899   -9.507  -6.301  1.00 9.94  ? 3   DG  A C6    1 
ATOM   55  O O6    . DG  A 1 3  ? 3.040   -9.811  -6.694  1.00 10.89 ? 3   DG  A O6    1 
ATOM   56  N N1    . DG  A 1 3  ? 1.499   -9.822  -5.005  1.00 8.72  ? 3   DG  A N1    1 
ATOM   57  C C2    . DG  A 1 3  ? 0.271   -9.542  -4.466  1.00 6.02  ? 3   DG  A C2    1 
ATOM   58  N N2    . DG  A 1 3  ? 0.113   -9.863  -3.173  1.00 2.11  ? 3   DG  A N2    1 
ATOM   59  N N3    . DG  A 1 3  ? -0.716  -8.968  -5.137  1.00 6.39  ? 3   DG  A N3    1 
ATOM   60  C C4    . DG  A 1 3  ? -0.348  -8.641  -6.397  1.00 8.99  ? 3   DG  A C4    1 
ATOM   61  P P     . DC  A 1 4  ? -5.492  -4.420  -7.551  1.00 10.81 ? 4   DC  A P     1 
ATOM   62  O OP1   . DC  A 1 4  ? -6.904  -4.311  -7.116  1.00 11.87 ? 4   DC  A OP1   1 
ATOM   63  O OP2   . DC  A 1 4  ? -5.134  -4.186  -8.975  1.00 9.28  ? 4   DC  A OP2   1 
ATOM   64  O "O5'" . DC  A 1 4  ? -4.671  -3.415  -6.627  1.00 9.38  ? 4   DC  A "O5'" 1 
ATOM   65  C "C5'" . DC  A 1 4  ? -5.169  -3.072  -5.333  1.00 7.73  ? 4   DC  A "C5'" 1 
ATOM   66  C "C4'" . DC  A 1 4  ? -4.937  -1.608  -5.051  1.00 8.86  ? 4   DC  A "C4'" 1 
ATOM   67  O "O4'" . DC  A 1 4  ? -3.608  -1.410  -4.517  1.00 4.63  ? 4   DC  A "O4'" 1 
ATOM   68  C "C3'" . DC  A 1 4  ? -5.050  -0.716  -6.283  1.00 10.53 ? 4   DC  A "C3'" 1 
ATOM   69  O "O3'" . DC  A 1 4  ? -5.730  0.495   -5.966  1.00 16.67 ? 4   DC  A "O3'" 1 
ATOM   70  C "C2'" . DC  A 1 4  ? -3.607  -0.415  -6.642  1.00 7.63  ? 4   DC  A "C2'" 1 
ATOM   71  C "C1'" . DC  A 1 4  ? -2.908  -0.453  -5.287  1.00 7.73  ? 4   DC  A "C1'" 1 
ATOM   72  N N1    . DC  A 1 4  ? -1.500  -0.877  -5.402  1.00 6.65  ? 4   DC  A N1    1 
ATOM   73  C C2    . DC  A 1 4  ? -0.722  -1.070  -4.253  1.00 5.25  ? 4   DC  A C2    1 
ATOM   74  O O2    . DC  A 1 4  ? -1.233  -0.902  -3.130  1.00 5.34  ? 4   DC  A O2    1 
ATOM   75  N N3    . DC  A 1 4  ? 0.577   -1.427  -4.401  1.00 5.34  ? 4   DC  A N3    1 
ATOM   76  C C4    . DC  A 1 4  ? 1.092   -1.578  -5.624  1.00 4.56  ? 4   DC  A C4    1 
ATOM   77  N N4    . DC  A 1 4  ? 2.379   -1.884  -5.744  1.00 6.79  ? 4   DC  A N4    1 
ATOM   78  C C5    . DC  A 1 4  ? 0.318   -1.409  -6.791  1.00 6.66  ? 4   DC  A C5    1 
ATOM   79  C C6    . DC  A 1 4  ? -0.954  -1.065  -6.642  1.00 6.92  ? 4   DC  A C6    1 
ATOM   80  P P     . DG  A 1 5  ? -5.885  1.632   -7.087  1.00 19.63 ? 5   DG  A P     1 
ATOM   81  O OP1   . DG  A 1 5  ? -7.334  1.974   -7.188  1.00 20.96 ? 5   DG  A OP1   1 
ATOM   82  O OP2   . DG  A 1 5  ? -5.143  1.162   -8.292  1.00 19.47 ? 5   DG  A OP2   1 
ATOM   83  O "O5'" . DG  A 1 5  ? -5.078  2.864   -6.474  1.00 20.51 ? 5   DG  A "O5'" 1 
ATOM   84  C "C5'" . DG  A 1 5  ? -5.358  3.361   -5.156  1.00 17.89 ? 5   DG  A "C5'" 1 
ATOM   85  C "C4'" . DG  A 1 5  ? -4.633  4.669   -4.933  1.00 17.73 ? 5   DG  A "C4'" 1 
ATOM   86  O "O4'" . DG  A 1 5  ? -3.228  4.420   -4.680  1.00 15.51 ? 5   DG  A "O4'" 1 
ATOM   87  C "C3'" . DG  A 1 5  ? -4.693  5.578   -6.160  1.00 17.31 ? 5   DG  A "C3'" 1 
ATOM   88  O "O3'" . DG  A 1 5  ? -4.850  6.945   -5.803  1.00 19.74 ? 5   DG  A "O3'" 1 
ATOM   89  C "C2'" . DG  A 1 5  ? -3.342  5.390   -6.813  1.00 17.08 ? 5   DG  A "C2'" 1 
ATOM   90  C "C1'" . DG  A 1 5  ? -2.427  5.092   -5.637  1.00 15.23 ? 5   DG  A "C1'" 1 
ATOM   91  N N9    . DG  A 1 5  ? -1.344  4.197   -6.029  1.00 14.43 ? 5   DG  A N9    1 
ATOM   92  C C8    . DG  A 1 5  ? -1.094  3.731   -7.300  1.00 13.10 ? 5   DG  A C8    1 
ATOM   93  N N7    . DG  A 1 5  ? -0.084  2.914   -7.359  1.00 12.69 ? 5   DG  A N7    1 
ATOM   94  C C5    . DG  A 1 5  ? 0.367   2.841   -6.048  1.00 14.10 ? 5   DG  A C5    1 
ATOM   95  C C6    . DG  A 1 5  ? 1.439   2.097   -5.489  1.00 14.19 ? 5   DG  A C6    1 
ATOM   96  O O6    . DG  A 1 5  ? 2.219   1.334   -6.059  1.00 14.90 ? 5   DG  A O6    1 
ATOM   97  N N1    . DG  A 1 5  ? 1.553   2.307   -4.125  1.00 13.72 ? 5   DG  A N1    1 
ATOM   98  C C2    . DG  A 1 5  ? 0.740   3.126   -3.387  1.00 15.09 ? 5   DG  A C2    1 
ATOM   99  N N2    . DG  A 1 5  ? 1.014   3.190   -2.082  1.00 16.91 ? 5   DG  A N2    1 
ATOM   100 N N3    . DG  A 1 5  ? -0.265  3.828   -3.894  1.00 14.23 ? 5   DG  A N3    1 
ATOM   101 C C4    . DG  A 1 5  ? -0.393  3.639   -5.219  1.00 13.24 ? 5   DG  A C4    1 
ATOM   102 P P     . DG  A 1 6  ? -5.467  7.972   -6.872  1.00 20.00 ? 6   DG  A P     1 
ATOM   103 O OP1   . DG  A 1 6  ? -6.558  8.665   -6.140  1.00 18.74 ? 6   DG  A OP1   1 
ATOM   104 O OP2   . DG  A 1 6  ? -5.767  7.221   -8.130  1.00 17.19 ? 6   DG  A OP2   1 
ATOM   105 O "O5'" . DG  A 1 6  ? -4.270  8.985   -7.162  1.00 21.25 ? 6   DG  A "O5'" 1 
ATOM   106 C "C5'" . DG  A 1 6  ? -3.027  8.502   -7.668  1.00 24.79 ? 6   DG  A "C5'" 1 
ATOM   107 C "C4'" . DG  A 1 6  ? -2.425  9.467   -8.666  1.00 26.71 ? 6   DG  A "C4'" 1 
ATOM   108 O "O4'" . DG  A 1 6  ? -1.375  8.735   -9.333  1.00 28.15 ? 6   DG  A "O4'" 1 
ATOM   109 C "C3'" . DG  A 1 6  ? -3.367  9.916   -9.781  1.00 28.40 ? 6   DG  A "C3'" 1 
ATOM   110 O "O3'" . DG  A 1 6  ? -2.858  11.108  -10.409 1.00 31.51 ? 6   DG  A "O3'" 1 
ATOM   111 C "C2'" . DG  A 1 6  ? -3.256  8.769   -10.767 1.00 28.93 ? 6   DG  A "C2'" 1 
ATOM   112 C "C1'" . DG  A 1 6  ? -1.785  8.386   -10.649 1.00 29.50 ? 6   DG  A "C1'" 1 
ATOM   113 N N9    . DG  A 1 6  ? -1.501  6.965   -10.843 1.00 30.52 ? 6   DG  A N9    1 
ATOM   114 C C8    . DG  A 1 6  ? -2.245  5.900   -10.390 1.00 30.01 ? 6   DG  A C8    1 
ATOM   115 N N7    . DG  A 1 6  ? -1.736  4.743   -10.715 1.00 30.27 ? 6   DG  A N7    1 
ATOM   116 C C5    . DG  A 1 6  ? -0.588  5.060   -11.428 1.00 30.76 ? 6   DG  A C5    1 
ATOM   117 C C6    . DG  A 1 6  ? 0.378   4.219   -12.037 1.00 31.02 ? 6   DG  A C6    1 
ATOM   118 O O6    . DG  A 1 6  ? 0.404   2.980   -12.076 1.00 31.83 ? 6   DG  A O6    1 
ATOM   119 N N1    . DG  A 1 6  ? 1.391   4.957   -12.648 1.00 30.54 ? 6   DG  A N1    1 
ATOM   120 C C2    . DG  A 1 6  ? 1.461   6.328   -12.669 1.00 29.19 ? 6   DG  A C2    1 
ATOM   121 N N2    . DG  A 1 6  ? 2.513   6.854   -13.297 1.00 28.26 ? 6   DG  A N2    1 
ATOM   122 N N3    . DG  A 1 6  ? 0.566   7.123   -12.116 1.00 29.28 ? 6   DG  A N3    1 
ATOM   123 C C4    . DG  A 1 6  ? -0.426  6.427   -11.515 1.00 30.42 ? 6   DG  A C4    1 
ATOM   124 P P     . DC  A 1 7  ? -3.274  12.571  -9.868  1.00 35.10 ? 7   DC  A P     1 
ATOM   125 O OP1   . DC  A 1 7  ? -4.403  12.452  -8.897  1.00 34.21 ? 7   DC  A OP1   1 
ATOM   126 O OP2   . DC  A 1 7  ? -3.404  13.491  -11.037 1.00 33.45 ? 7   DC  A OP2   1 
ATOM   127 O "O5'" . DC  A 1 7  ? -1.999  13.044  -9.039  1.00 31.72 ? 7   DC  A "O5'" 1 
ATOM   128 C "C5'" . DC  A 1 7  ? -2.113  13.301  -7.647  1.00 31.76 ? 7   DC  A "C5'" 1 
ATOM   129 C "C4'" . DC  A 1 7  ? -0.761  13.616  -7.062  1.00 30.56 ? 7   DC  A "C4'" 1 
ATOM   130 O "O4'" . DC  A 1 7  ? 0.055   12.426  -6.977  1.00 31.28 ? 7   DC  A "O4'" 1 
ATOM   131 C "C3'" . DC  A 1 7  ? 0.038   14.616  -7.890  1.00 30.20 ? 7   DC  A "C3'" 1 
ATOM   132 O "O3'" . DC  A 1 7  ? 0.784   15.413  -6.989  1.00 29.94 ? 7   DC  A "O3'" 1 
ATOM   133 C "C2'" . DC  A 1 7  ? 0.958   13.728  -8.699  1.00 30.61 ? 7   DC  A "C2'" 1 
ATOM   134 C "C1'" . DC  A 1 7  ? 1.265   12.647  -7.686  1.00 30.15 ? 7   DC  A "C1'" 1 
ATOM   135 N N1    . DC  A 1 7  ? 1.716   11.368  -8.243  1.00 29.18 ? 7   DC  A N1    1 
ATOM   136 C C2    . DC  A 1 7  ? 2.446   10.518  -7.419  1.00 29.72 ? 7   DC  A C2    1 
ATOM   137 O O2    . DC  A 1 7  ? 2.629   10.846  -6.235  1.00 29.54 ? 7   DC  A O2    1 
ATOM   138 N N3    . DC  A 1 7  ? 2.933   9.362   -7.923  1.00 29.85 ? 7   DC  A N3    1 
ATOM   139 C C4    . DC  A 1 7  ? 2.700   9.041   -9.197  1.00 30.11 ? 7   DC  A C4    1 
ATOM   140 N N4    . DC  A 1 7  ? 3.228   7.904   -9.658  1.00 29.98 ? 7   DC  A N4    1 
ATOM   141 C C5    . DC  A 1 7  ? 1.923   9.876   -10.052 1.00 29.62 ? 7   DC  A C5    1 
ATOM   142 C C6    . DC  A 1 7  ? 1.452   11.019  -9.537  1.00 28.95 ? 7   DC  A C6    1 
ATOM   143 P P     . DA  A 1 8  ? 0.075   16.661  -6.297  1.00 30.70 ? 8   DA  A P     1 
ATOM   144 O OP1   . DA  A 1 8  ? -1.359  16.591  -6.659  1.00 33.42 ? 8   DA  A OP1   1 
ATOM   145 O OP2   . DA  A 1 8  ? 0.856   17.902  -6.567  1.00 31.04 ? 8   DA  A OP2   1 
ATOM   146 O "O5'" . DA  A 1 8  ? 0.118   16.350  -4.747  1.00 28.76 ? 8   DA  A "O5'" 1 
ATOM   147 C "C5'" . DA  A 1 8  ? 0.799   17.227  -3.885  1.00 27.34 ? 8   DA  A "C5'" 1 
ATOM   148 C "C4'" . DA  A 1 8  ? 1.997   16.518  -3.312  1.00 25.74 ? 8   DA  A "C4'" 1 
ATOM   149 O "O4'" . DA  A 1 8  ? 2.509   15.550  -4.257  1.00 26.18 ? 8   DA  A "O4'" 1 
ATOM   150 C "C3'" . DA  A 1 8  ? 3.152   17.452  -3.004  1.00 24.42 ? 8   DA  A "C3'" 1 
ATOM   151 O "O3'" . DA  A 1 8  ? 3.780   16.949  -1.845  1.00 22.83 ? 8   DA  A "O3'" 1 
ATOM   152 C "C2'" . DA  A 1 8  ? 4.044   17.305  -4.225  1.00 23.62 ? 8   DA  A "C2'" 1 
ATOM   153 C "C1'" . DA  A 1 8  ? 3.876   15.831  -4.528  1.00 25.07 ? 8   DA  A "C1'" 1 
ATOM   154 N N9    . DA  A 1 8  ? 4.147   15.399  -5.898  1.00 24.85 ? 8   DA  A N9    1 
ATOM   155 C C8    . DA  A 1 8  ? 3.897   16.056  -7.074  1.00 25.11 ? 8   DA  A C8    1 
ATOM   156 N N7    . DA  A 1 8  ? 4.174   15.346  -8.147  1.00 25.59 ? 8   DA  A N7    1 
ATOM   157 C C5    . DA  A 1 8  ? 4.650   14.144  -7.638  1.00 24.44 ? 8   DA  A C5    1 
ATOM   158 C C6    . DA  A 1 8  ? 5.070   12.953  -8.256  1.00 22.51 ? 8   DA  A C6    1 
ATOM   159 N N6    . DA  A 1 8  ? 5.039   12.755  -9.574  1.00 21.83 ? 8   DA  A N6    1 
ATOM   160 N N1    . DA  A 1 8  ? 5.505   11.955  -7.463  1.00 22.16 ? 8   DA  A N1    1 
ATOM   161 C C2    . DA  A 1 8  ? 5.491   12.136  -6.142  1.00 22.55 ? 8   DA  A C2    1 
ATOM   162 N N3    . DA  A 1 8  ? 5.092   13.193  -5.439  1.00 23.75 ? 8   DA  A N3    1 
ATOM   163 C C4    . DA  A 1 8  ? 4.676   14.177  -6.256  1.00 24.54 ? 8   DA  A C4    1 
ATOM   164 P P     . DT  A 1 9  ? 4.662   17.923  -0.950  1.00 22.43 ? 9   DT  A P     1 
ATOM   165 O OP1   . DT  A 1 9  ? 4.272   17.663  0.464   1.00 20.17 ? 9   DT  A OP1   1 
ATOM   166 O OP2   . DT  A 1 9  ? 4.456   19.263  -1.545  1.00 19.90 ? 9   DT  A OP2   1 
ATOM   167 O "O5'" . DT  A 1 9  ? 6.162   17.414  -1.217  1.00 22.51 ? 9   DT  A "O5'" 1 
ATOM   168 C "C5'" . DT  A 1 9  ? 6.552   16.901  -2.504  1.00 22.01 ? 9   DT  A "C5'" 1 
ATOM   169 C "C4'" . DT  A 1 9  ? 7.609   15.821  -2.375  1.00 21.85 ? 9   DT  A "C4'" 1 
ATOM   170 O "O4'" . DT  A 1 9  ? 7.535   14.926  -3.514  1.00 20.88 ? 9   DT  A "O4'" 1 
ATOM   171 C "C3'" . DT  A 1 9  ? 9.062   16.284  -2.292  1.00 21.07 ? 9   DT  A "C3'" 1 
ATOM   172 O "O3'" . DT  A 1 9  ? 9.800   15.467  -1.387  1.00 22.89 ? 9   DT  A "O3'" 1 
ATOM   173 C "C2'" . DT  A 1 9  ? 9.587   16.072  -3.701  1.00 20.31 ? 9   DT  A "C2'" 1 
ATOM   174 C "C1'" . DT  A 1 9  ? 8.752   14.920  -4.239  1.00 19.90 ? 9   DT  A "C1'" 1 
ATOM   175 N N1    . DT  A 1 9  ? 8.406   15.001  -5.685  1.00 21.04 ? 9   DT  A N1    1 
ATOM   176 C C2    . DT  A 1 9  ? 8.846   13.976  -6.491  1.00 22.51 ? 9   DT  A C2    1 
ATOM   177 O O2    . DT  A 1 9  ? 9.516   13.044  -6.072  1.00 24.34 ? 9   DT  A O2    1 
ATOM   178 N N3    . DT  A 1 9  ? 8.479   14.076  -7.810  1.00 21.40 ? 9   DT  A N3    1 
ATOM   179 C C4    . DT  A 1 9  ? 7.751   15.082  -8.407  1.00 21.59 ? 9   DT  A C4    1 
ATOM   180 O O4    . DT  A 1 9  ? 7.502   15.020  -9.616  1.00 21.52 ? 9   DT  A O4    1 
ATOM   181 C C5    . DT  A 1 9  ? 7.338   16.157  -7.518  1.00 20.30 ? 9   DT  A C5    1 
ATOM   182 C C7    . DT  A 1 9  ? 6.590   17.321  -8.092  1.00 15.32 ? 9   DT  A C7    1 
ATOM   183 C C6    . DT  A 1 9  ? 7.669   16.054  -6.213  1.00 21.00 ? 9   DT  A C6    1 
ATOM   184 O "O5'" . DA  B 1 1  ? 12.343  8.747   -14.681 1.00 39.81 ? 10  DA  B "O5'" 1 
ATOM   185 C "C5'" . DA  B 1 1  ? 13.741  9.028   -14.633 1.00 38.95 ? 10  DA  B "C5'" 1 
ATOM   186 C "C4'" . DA  B 1 1  ? 14.144  9.378   -13.219 1.00 38.38 ? 10  DA  B "C4'" 1 
ATOM   187 O "O4'" . DA  B 1 1  ? 13.385  10.528  -12.775 1.00 37.20 ? 10  DA  B "O4'" 1 
ATOM   188 C "C3'" . DA  B 1 1  ? 13.872  8.293   -12.182 1.00 37.91 ? 10  DA  B "C3'" 1 
ATOM   189 O "O3'" . DA  B 1 1  ? 14.832  8.402   -11.120 1.00 38.14 ? 10  DA  B "O3'" 1 
ATOM   190 C "C2'" . DA  B 1 1  ? 12.473  8.632   -11.698 1.00 36.10 ? 10  DA  B "C2'" 1 
ATOM   191 C "C1'" . DA  B 1 1  ? 12.463  10.152  -11.762 1.00 34.74 ? 10  DA  B "C1'" 1 
ATOM   192 N N9    . DA  B 1 1  ? 11.171  10.728  -12.124 1.00 32.06 ? 10  DA  B N9    1 
ATOM   193 C C8    . DA  B 1 1  ? 10.633  10.885  -13.379 1.00 30.48 ? 10  DA  B C8    1 
ATOM   194 N N7    . DA  B 1 1  ? 9.453   11.456  -13.377 1.00 29.13 ? 10  DA  B N7    1 
ATOM   195 C C5    . DA  B 1 1  ? 9.200   11.689  -12.032 1.00 29.51 ? 10  DA  B C5    1 
ATOM   196 C C6    . DA  B 1 1  ? 8.116   12.275  -11.360 1.00 28.92 ? 10  DA  B C6    1 
ATOM   197 N N6    . DA  B 1 1  ? 7.046   12.773  -11.977 1.00 28.61 ? 10  DA  B N6    1 
ATOM   198 N N1    . DA  B 1 1  ? 8.173   12.342  -10.009 1.00 29.20 ? 10  DA  B N1    1 
ATOM   199 C C2    . DA  B 1 1  ? 9.258   11.857  -9.389  1.00 29.58 ? 10  DA  B C2    1 
ATOM   200 N N3    . DA  B 1 1  ? 10.343  11.296  -9.909  1.00 30.30 ? 10  DA  B N3    1 
ATOM   201 C C4    . DA  B 1 1  ? 10.247  11.238  -11.250 1.00 30.75 ? 10  DA  B C4    1 
ATOM   202 P P     . DT  B 1 2  ? 14.891  7.274   -9.973  1.00 39.36 ? 11  DT  B P     1 
ATOM   203 O OP1   . DT  B 1 2  ? 16.299  6.784   -9.910  1.00 40.31 ? 11  DT  B OP1   1 
ATOM   204 O OP2   . DT  B 1 2  ? 13.775  6.302   -10.205 1.00 38.27 ? 11  DT  B OP2   1 
ATOM   205 O "O5'" . DT  B 1 2  ? 14.608  8.095   -8.636  1.00 34.72 ? 11  DT  B "O5'" 1 
ATOM   206 C "C5'" . DT  B 1 2  ? 13.426  8.870   -8.507  1.00 30.23 ? 11  DT  B "C5'" 1 
ATOM   207 C "C4'" . DT  B 1 2  ? 12.925  8.819   -7.086  1.00 26.45 ? 11  DT  B "C4'" 1 
ATOM   208 O "O4'" . DT  B 1 2  ? 11.622  9.459   -7.049  1.00 23.30 ? 11  DT  B "O4'" 1 
ATOM   209 C "C3'" . DT  B 1 2  ? 12.720  7.399   -6.573  1.00 25.10 ? 11  DT  B "C3'" 1 
ATOM   210 O "O3'" . DT  B 1 2  ? 13.095  7.317   -5.196  1.00 25.00 ? 11  DT  B "O3'" 1 
ATOM   211 C "C2'" . DT  B 1 2  ? 11.241  7.139   -6.798  1.00 23.04 ? 11  DT  B "C2'" 1 
ATOM   212 C "C1'" . DT  B 1 2  ? 10.596  8.524   -6.740  1.00 20.68 ? 11  DT  B "C1'" 1 
ATOM   213 N N1    . DT  B 1 2  ? 9.511   8.712   -7.730  1.00 16.84 ? 11  DT  B N1    1 
ATOM   214 C C2    . DT  B 1 2  ? 8.350   9.350   -7.345  1.00 14.04 ? 11  DT  B C2    1 
ATOM   215 O O2    . DT  B 1 2  ? 8.140   9.744   -6.210  1.00 14.32 ? 11  DT  B O2    1 
ATOM   216 N N3    . DT  B 1 2  ? 7.421   9.497   -8.353  1.00 11.66 ? 11  DT  B N3    1 
ATOM   217 C C4    . DT  B 1 2  ? 7.522   9.060   -9.658  1.00 8.84  ? 11  DT  B C4    1 
ATOM   218 O O4    . DT  B 1 2  ? 6.603   9.249   -10.448 1.00 5.14  ? 11  DT  B O4    1 
ATOM   219 C C5    . DT  B 1 2  ? 8.743   8.384   -9.977  1.00 10.39 ? 11  DT  B C5    1 
ATOM   220 C C7    . DT  B 1 2  ? 8.922   7.855   -11.362 1.00 13.62 ? 11  DT  B C7    1 
ATOM   221 C C6    . DT  B 1 2  ? 9.670   8.251   -9.020  1.00 13.76 ? 11  DT  B C6    1 
ATOM   222 P P     . DG  B 1 3  ? 13.029  5.905   -4.420  1.00 26.27 ? 12  DG  B P     1 
ATOM   223 O OP1   . DG  B 1 3  ? 14.019  5.945   -3.299  1.00 25.31 ? 12  DG  B OP1   1 
ATOM   224 O OP2   . DG  B 1 3  ? 13.061  4.779   -5.411  1.00 25.88 ? 12  DG  B OP2   1 
ATOM   225 O "O5'" . DG  B 1 3  ? 11.585  5.924   -3.756  1.00 24.93 ? 12  DG  B "O5'" 1 
ATOM   226 C "C5'" . DG  B 1 3  ? 11.344  6.702   -2.588  1.00 23.33 ? 12  DG  B "C5'" 1 
ATOM   227 C "C4'" . DG  B 1 3  ? 10.005  6.335   -1.995  1.00 22.40 ? 12  DG  B "C4'" 1 
ATOM   228 O "O4'" . DG  B 1 3  ? 8.976   6.746   -2.925  1.00 20.92 ? 12  DG  B "O4'" 1 
ATOM   229 C "C3'" . DG  B 1 3  ? 9.812   4.837   -1.766  1.00 21.69 ? 12  DG  B "C3'" 1 
ATOM   230 O "O3'" . DG  B 1 3  ? 9.053   4.622   -0.579  1.00 23.07 ? 12  DG  B "O3'" 1 
ATOM   231 C "C2'" . DG  B 1 3  ? 9.033   4.389   -2.990  1.00 21.08 ? 12  DG  B "C2'" 1 
ATOM   232 C "C1'" . DG  B 1 3  ? 8.219   5.627   -3.349  1.00 21.29 ? 12  DG  B "C1'" 1 
ATOM   233 N N9    . DG  B 1 3  ? 7.934   5.799   -4.773  1.00 18.95 ? 12  DG  B N9    1 
ATOM   234 C C8    . DG  B 1 3  ? 8.599   5.231   -5.830  1.00 18.77 ? 12  DG  B C8    1 
ATOM   235 N N7    . DG  B 1 3  ? 8.086   5.549   -6.985  1.00 18.83 ? 12  DG  B N7    1 
ATOM   236 C C5    . DG  B 1 3  ? 7.025   6.386   -6.674  1.00 18.80 ? 12  DG  B C5    1 
ATOM   237 C C6    . DG  B 1 3  ? 6.087   7.042   -7.519  1.00 19.51 ? 12  DG  B C6    1 
ATOM   238 O O6    . DG  B 1 3  ? 6.010   7.021   -8.756  1.00 21.60 ? 12  DG  B O6    1 
ATOM   239 N N1    . DG  B 1 3  ? 5.167   7.785   -6.785  1.00 18.74 ? 12  DG  B N1    1 
ATOM   240 C C2    . DG  B 1 3  ? 5.146   7.877   -5.421  1.00 18.41 ? 12  DG  B C2    1 
ATOM   241 N N2    . DG  B 1 3  ? 4.148   8.599   -4.902  1.00 19.35 ? 12  DG  B N2    1 
ATOM   242 N N3    . DG  B 1 3  ? 6.021   7.289   -4.623  1.00 18.26 ? 12  DG  B N3    1 
ATOM   243 C C4    . DG  B 1 3  ? 6.922   6.559   -5.314  1.00 18.78 ? 12  DG  B C4    1 
ATOM   244 P P     . DC  B 1 4  ? 9.568   3.560   0.511   1.00 27.30 ? 13  DC  B P     1 
ATOM   245 O OP1   . DC  B 1 4  ? 8.846   3.809   1.790   1.00 26.58 ? 13  DC  B OP1   1 
ATOM   246 O OP2   . DC  B 1 4  ? 11.060  3.572   0.482   1.00 28.42 ? 13  DC  B OP2   1 
ATOM   247 O "O5'" . DC  B 1 4  ? 9.074   2.143   -0.025  1.00 25.43 ? 13  DC  B "O5'" 1 
ATOM   248 C "C5'" . DC  B 1 4  ? 7.692   1.902   -0.276  1.00 21.61 ? 13  DC  B "C5'" 1 
ATOM   249 C "C4'" . DC  B 1 4  ? 7.125   0.908   0.713   1.00 17.39 ? 13  DC  B "C4'" 1 
ATOM   250 O "O4'" . DC  B 1 4  ? 5.788   0.646   0.231   1.00 16.81 ? 13  DC  B "O4'" 1 
ATOM   251 C "C3'" . DC  B 1 4  ? 7.848   -0.442  0.710   1.00 15.51 ? 13  DC  B "C3'" 1 
ATOM   252 O "O3'" . DC  B 1 4  ? 7.867   -1.124  1.977   1.00 11.95 ? 13  DC  B "O3'" 1 
ATOM   253 C "C2'" . DC  B 1 4  ? 7.090   -1.258  -0.312  1.00 16.72 ? 13  DC  B "C2'" 1 
ATOM   254 C "C1'" . DC  B 1 4  ? 5.700   -0.631  -0.375  1.00 15.71 ? 13  DC  B "C1'" 1 
ATOM   255 N N1    . DC  B 1 4  ? 5.288   -0.445  -1.782  1.00 14.78 ? 13  DC  B N1    1 
ATOM   256 C C2    . DC  B 1 4  ? 4.079   0.206   -2.092  1.00 15.31 ? 13  DC  B C2    1 
ATOM   257 O O2    . DC  B 1 4  ? 3.360   0.643   -1.173  1.00 14.59 ? 13  DC  B O2    1 
ATOM   258 N N3    . DC  B 1 4  ? 3.729   0.337   -3.397  1.00 14.17 ? 13  DC  B N3    1 
ATOM   259 C C4    . DC  B 1 4  ? 4.525   -0.142  -4.359  1.00 13.65 ? 13  DC  B C4    1 
ATOM   260 N N4    . DC  B 1 4  ? 4.151   0.012   -5.625  1.00 15.01 ? 13  DC  B N4    1 
ATOM   261 C C5    . DC  B 1 4  ? 5.746   -0.799  -4.065  1.00 14.97 ? 13  DC  B C5    1 
ATOM   262 C C6    . DC  B 1 4  ? 6.086   -0.923  -2.784  1.00 14.17 ? 13  DC  B C6    1 
ATOM   263 P P     . DG  B 1 5  ? 8.925   -2.324  2.196   1.00 11.11 ? 14  DG  B P     1 
ATOM   264 O OP1   . DG  B 1 5  ? 9.352   -2.471  3.614   1.00 9.55  ? 14  DG  B OP1   1 
ATOM   265 O OP2   . DG  B 1 5  ? 9.954   -2.168  1.128   1.00 10.78 ? 14  DG  B OP2   1 
ATOM   266 O "O5'" . DG  B 1 5  ? 8.137   -3.656  1.850   1.00 8.65  ? 14  DG  B "O5'" 1 
ATOM   267 C "C5'" . DG  B 1 5  ? 6.723   -3.681  1.818   1.00 9.35  ? 14  DG  B "C5'" 1 
ATOM   268 C "C4'" . DG  B 1 5  ? 6.227   -4.977  2.412   1.00 9.40  ? 14  DG  B "C4'" 1 
ATOM   269 O "O4'" . DG  B 1 5  ? 4.842   -5.081  2.048   1.00 8.74  ? 14  DG  B "O4'" 1 
ATOM   270 C "C3'" . DG  B 1 5  ? 6.890   -6.231  1.843   1.00 8.65  ? 14  DG  B "C3'" 1 
ATOM   271 O "O3'" . DG  B 1 5  ? 6.872   -7.303  2.811   1.00 6.39  ? 14  DG  B "O3'" 1 
ATOM   272 C "C2'" . DG  B 1 5  ? 6.062   -6.520  0.602   1.00 8.91  ? 14  DG  B "C2'" 1 
ATOM   273 C "C1'" . DG  B 1 5  ? 4.684   -5.974  0.954   1.00 10.31 ? 14  DG  B "C1'" 1 
ATOM   274 N N9    . DG  B 1 5  ? 4.008   -5.223  -0.101  1.00 11.74 ? 14  DG  B N9    1 
ATOM   275 C C8    . DG  B 1 5  ? 2.691   -4.813  -0.085  1.00 14.30 ? 14  DG  B C8    1 
ATOM   276 N N7    . DG  B 1 5  ? 2.351   -4.126  -1.137  1.00 14.58 ? 14  DG  B N7    1 
ATOM   277 C C5    . DG  B 1 5  ? 3.506   -4.085  -1.898  1.00 13.73 ? 14  DG  B C5    1 
ATOM   278 C C6    . DG  B 1 5  ? 3.735   -3.481  -3.146  1.00 13.32 ? 14  DG  B C6    1 
ATOM   279 O O6    . DG  B 1 5  ? 2.935   -2.868  -3.843  1.00 13.31 ? 14  DG  B O6    1 
ATOM   280 N N1    . DG  B 1 5  ? 5.043   -3.651  -3.569  1.00 15.78 ? 14  DG  B N1    1 
ATOM   281 C C2    . DG  B 1 5  ? 6.007   -4.336  -2.872  1.00 17.66 ? 14  DG  B C2    1 
ATOM   282 N N2    . DG  B 1 5  ? 7.228   -4.363  -3.446  1.00 19.56 ? 14  DG  B N2    1 
ATOM   283 N N3    . DG  B 1 5  ? 5.799   -4.938  -1.702  1.00 14.18 ? 14  DG  B N3    1 
ATOM   284 C C4    . DG  B 1 5  ? 4.536   -4.765  -1.276  1.00 12.45 ? 14  DG  B C4    1 
ATOM   285 P P     . DG  B 1 6  ? 8.209   -8.168  3.079   1.00 8.17  ? 15  DG  B P     1 
ATOM   286 O OP1   . DG  B 1 6  ? 8.113   -8.811  4.417   1.00 6.61  ? 15  DG  B OP1   1 
ATOM   287 O OP2   . DG  B 1 6  ? 9.427   -7.353  2.734   1.00 7.75  ? 15  DG  B OP2   1 
ATOM   288 O "O5'" . DG  B 1 6  ? 8.124   -9.328  1.992   1.00 6.80  ? 15  DG  B "O5'" 1 
ATOM   289 C "C5'" . DG  B 1 6  ? 6.921   -10.063 1.794   1.00 5.63  ? 15  DG  B "C5'" 1 
ATOM   290 C "C4'" . DG  B 1 6  ? 7.086   -11.001 0.622   1.00 5.17  ? 15  DG  B "C4'" 1 
ATOM   291 O "O4'" . DG  B 1 6  ? 7.105   -10.249 -0.604  1.00 4.49  ? 15  DG  B "O4'" 1 
ATOM   292 C "C3'" . DG  B 1 6  ? 8.396   -11.784 0.650   1.00 6.18  ? 15  DG  B "C3'" 1 
ATOM   293 O "O3'" . DG  B 1 6  ? 8.212   -13.069 0.049   1.00 8.63  ? 15  DG  B "O3'" 1 
ATOM   294 C "C2'" . DG  B 1 6  ? 9.319   -10.934 -0.205  1.00 3.76  ? 15  DG  B "C2'" 1 
ATOM   295 C "C1'" . DG  B 1 6  ? 8.379   -10.331 -1.225  1.00 2.48  ? 15  DG  B "C1'" 1 
ATOM   296 N N9    . DG  B 1 6  ? 8.728   -8.983  -1.648  1.00 3.40  ? 15  DG  B N9    1 
ATOM   297 C C8    . DG  B 1 6  ? 8.986   -7.895  -0.842  1.00 4.57  ? 15  DG  B C8    1 
ATOM   298 N N7    . DG  B 1 6  ? 9.231   -6.806  -1.519  1.00 4.23  ? 15  DG  B N7    1 
ATOM   299 C C5    . DG  B 1 6  ? 9.145   -7.199  -2.848  1.00 2.07  ? 15  DG  B C5    1 
ATOM   300 C C6    . DG  B 1 6  ? 9.321   -6.454  -4.035  1.00 1.00  ? 15  DG  B C6    1 
ATOM   301 O O6    . DG  B 1 6  ? 9.618   -5.259  -4.158  1.00 2.65  ? 15  DG  B O6    1 
ATOM   302 N N1    . DG  B 1 6  ? 9.124   -7.244  -5.165  1.00 1.64  ? 15  DG  B N1    1 
ATOM   303 C C2    . DG  B 1 6  ? 8.803   -8.583  -5.148  1.00 2.61  ? 15  DG  B C2    1 
ATOM   304 N N2    . DG  B 1 6  ? 8.639   -9.171  -6.338  1.00 2.61  ? 15  DG  B N2    1 
ATOM   305 N N3    . DG  B 1 6  ? 8.653   -9.288  -4.049  1.00 1.51  ? 15  DG  B N3    1 
ATOM   306 C C4    . DG  B 1 6  ? 8.834   -8.541  -2.944  1.00 2.99  ? 15  DG  B C4    1 
ATOM   307 P P     . DC  B 1 7  ? 8.235   -14.378 0.965   1.00 10.88 ? 16  DC  B P     1 
ATOM   308 O OP1   . DC  B 1 7  ? 9.255   -14.197 2.045   1.00 9.31  ? 16  DC  B OP1   1 
ATOM   309 O OP2   . DC  B 1 7  ? 8.321   -15.555 0.048   1.00 7.52  ? 16  DC  B OP2   1 
ATOM   310 O "O5'" . DC  B 1 7  ? 6.789   -14.384 1.626   1.00 11.44 ? 16  DC  B "O5'" 1 
ATOM   311 C "C5'" . DC  B 1 7  ? 5.797   -15.247 1.098   1.00 15.19 ? 16  DC  B "C5'" 1 
ATOM   312 C "C4'" . DC  B 1 7  ? 4.435   -14.604 1.130   1.00 15.91 ? 16  DC  B "C4'" 1 
ATOM   313 O "O4'" . DC  B 1 7  ? 4.439   -13.375 0.362   1.00 16.60 ? 16  DC  B "O4'" 1 
ATOM   314 C "C3'" . DC  B 1 7  ? 3.399   -15.513 0.482   1.00 17.94 ? 16  DC  B "C3'" 1 
ATOM   315 O "O3'" . DC  B 1 7  ? 2.249   -15.627 1.310   1.00 20.95 ? 16  DC  B "O3'" 1 
ATOM   316 C "C2'" . DC  B 1 7  ? 3.071   -14.823 -0.830  1.00 15.40 ? 16  DC  B "C2'" 1 
ATOM   317 C "C1'" . DC  B 1 7  ? 3.379   -13.372 -0.582  1.00 14.68 ? 16  DC  B "C1'" 1 
ATOM   318 N N1    . DC  B 1 7  ? 3.856   -12.721 -1.807  1.00 15.32 ? 16  DC  B N1    1 
ATOM   319 C C2    . DC  B 1 7  ? 2.914   -12.264 -2.756  1.00 15.08 ? 16  DC  B C2    1 
ATOM   320 O O2    . DC  B 1 7  ? 1.698   -12.352 -2.498  1.00 15.18 ? 16  DC  B O2    1 
ATOM   321 N N3    . DC  B 1 7  ? 3.354   -11.737 -3.923  1.00 11.83 ? 16  DC  B N3    1 
ATOM   322 C C4    . DC  B 1 7  ? 4.663   -11.638 -4.154  1.00 11.87 ? 16  DC  B C4    1 
ATOM   323 N N4    . DC  B 1 7  ? 5.048   -11.137 -5.326  1.00 11.68 ? 16  DC  B N4    1 
ATOM   324 C C5    . DC  B 1 7  ? 5.636   -12.055 -3.199  1.00 12.38 ? 16  DC  B C5    1 
ATOM   325 C C6    . DC  B 1 7  ? 5.195   -12.584 -2.049  1.00 14.12 ? 16  DC  B C6    1 
ATOM   326 P P     . DA  B 1 8  ? 2.262   -16.640 2.556   1.00 22.48 ? 17  DA  B P     1 
ATOM   327 O OP1   . DA  B 1 8  ? 2.579   -15.836 3.772   1.00 22.08 ? 17  DA  B OP1   1 
ATOM   328 O OP2   . DA  B 1 8  ? 3.080   -17.856 2.236   1.00 21.55 ? 17  DA  B OP2   1 
ATOM   329 O "O5'" . DA  B 1 8  ? 0.736   -17.063 2.654   1.00 20.02 ? 17  DA  B "O5'" 1 
ATOM   330 C "C5'" . DA  B 1 8  ? -0.259  -16.081 2.897   1.00 17.74 ? 17  DA  B "C5'" 1 
ATOM   331 C "C4'" . DA  B 1 8  ? -1.351  -16.194 1.862   1.00 17.46 ? 17  DA  B "C4'" 1 
ATOM   332 O "O4'" . DA  B 1 8  ? -0.844  -15.817 0.564   1.00 16.39 ? 17  DA  B "O4'" 1 
ATOM   333 C "C3'" . DA  B 1 8  ? -1.937  -17.591 1.676   1.00 15.99 ? 17  DA  B "C3'" 1 
ATOM   334 O "O3'" . DA  B 1 8  ? -3.297  -17.418 1.264   1.00 16.05 ? 17  DA  B "O3'" 1 
ATOM   335 C "C2'" . DA  B 1 8  ? -1.104  -18.142 0.532   1.00 15.95 ? 17  DA  B "C2'" 1 
ATOM   336 C "C1'" . DA  B 1 8  ? -0.961  -16.908 -0.343  1.00 16.89 ? 17  DA  B "C1'" 1 
ATOM   337 N N9    . DA  B 1 8  ? 0.196   -16.857 -1.240  1.00 17.40 ? 17  DA  B N9    1 
ATOM   338 C C8    . DA  B 1 8  ? 1.427   -17.453 -1.095  1.00 17.59 ? 17  DA  B C8    1 
ATOM   339 N N7    . DA  B 1 8  ? 2.291   -17.106 -2.025  1.00 17.44 ? 17  DA  B N7    1 
ATOM   340 C C5    . DA  B 1 8  ? 1.572   -16.245 -2.846  1.00 17.53 ? 17  DA  B C5    1 
ATOM   341 C C6    . DA  B 1 8  ? 1.925   -15.507 -4.004  1.00 17.56 ? 17  DA  B C6    1 
ATOM   342 N N6    . DA  B 1 8  ? 3.150   -15.494 -4.541  1.00 18.30 ? 17  DA  B N6    1 
ATOM   343 N N1    . DA  B 1 8  ? 0.964   -14.763 -4.593  1.00 16.03 ? 17  DA  B N1    1 
ATOM   344 C C2    . DA  B 1 8  ? -0.252  -14.756 -4.049  1.00 14.73 ? 17  DA  B C2    1 
ATOM   345 N N3    . DA  B 1 8  ? -0.697  -15.384 -2.965  1.00 14.05 ? 17  DA  B N3    1 
ATOM   346 C C4    . DA  B 1 8  ? 0.273   -16.115 -2.397  1.00 16.40 ? 17  DA  B C4    1 
ATOM   347 P P     . DT  B 1 9  ? -4.325  -18.647 1.323   1.00 16.84 ? 18  DT  B P     1 
ATOM   348 O OP1   . DT  B 1 9  ? -5.675  -18.101 1.031   1.00 16.27 ? 18  DT  B OP1   1 
ATOM   349 O OP2   . DT  B 1 9  ? -4.081  -19.393 2.587   1.00 17.15 ? 18  DT  B OP2   1 
ATOM   350 O "O5'" . DT  B 1 9  ? -3.911  -19.555 0.082   1.00 16.02 ? 18  DT  B "O5'" 1 
ATOM   351 C "C5'" . DT  B 1 9  ? -4.696  -19.563 -1.109  1.00 10.86 ? 18  DT  B "C5'" 1 
ATOM   352 C "C4'" . DT  B 1 9  ? -4.611  -18.225 -1.800  1.00 8.23  ? 18  DT  B "C4'" 1 
ATOM   353 O "O4'" . DT  B 1 9  ? -3.210  -17.909 -1.993  1.00 6.99  ? 18  DT  B "O4'" 1 
ATOM   354 C "C3'" . DT  B 1 9  ? -5.252  -18.201 -3.190  1.00 9.26  ? 18  DT  B "C3'" 1 
ATOM   355 O "O3'" . DT  B 1 9  ? -5.834  -16.935 -3.571  1.00 9.57  ? 18  DT  B "O3'" 1 
ATOM   356 C "C2'" . DT  B 1 9  ? -4.073  -18.454 -4.111  1.00 7.59  ? 18  DT  B "C2'" 1 
ATOM   357 C "C1'" . DT  B 1 9  ? -2.920  -17.786 -3.374  1.00 6.33  ? 18  DT  B "C1'" 1 
ATOM   358 N N1    . DT  B 1 9  ? -1.596  -18.388 -3.616  1.00 5.88  ? 18  DT  B N1    1 
ATOM   359 C C2    . DT  B 1 9  ? -0.906  -17.944 -4.710  1.00 5.85  ? 18  DT  B C2    1 
ATOM   360 O O2    . DT  B 1 9  ? -1.338  -17.096 -5.461  1.00 1.00  ? 18  DT  B O2    1 
ATOM   361 N N3    . DT  B 1 9  ? 0.323   -18.536 -4.891  1.00 8.66  ? 18  DT  B N3    1 
ATOM   362 C C4    . DT  B 1 9  ? 0.918   -19.501 -4.087  1.00 9.19  ? 18  DT  B C4    1 
ATOM   363 O O4    . DT  B 1 9  ? 2.031   -19.932 -4.362  1.00 15.09 ? 18  DT  B O4    1 
ATOM   364 C C5    . DT  B 1 9  ? 0.143   -19.918 -2.950  1.00 6.44  ? 18  DT  B C5    1 
ATOM   365 C C7    . DT  B 1 9  ? 0.723   -20.935 -2.021  1.00 1.00  ? 18  DT  B C7    1 
ATOM   366 C C6    . DT  B 1 9  ? -1.065  -19.355 -2.776  1.00 5.95  ? 18  DT  B C6    1 
ATOM   367 N N     . THR C 2 1  ? -2.245  -6.763  -3.422  1.00 28.14 ? 1   THR C N     1 
ATOM   368 C CA    . THR C 2 1  ? -3.430  -6.924  -2.567  1.00 31.71 ? 1   THR C CA    1 
ATOM   369 C C     . THR C 2 1  ? -3.181  -7.702  -1.441  1.00 32.41 ? 1   THR C C     1 
ATOM   370 O O     . THR C 2 1  ? -2.168  -7.536  -0.766  1.00 32.21 ? 1   THR C O     1 
ATOM   371 C CB    . THR C 2 1  ? -4.528  -7.594  -3.375  1.00 33.08 ? 1   THR C CB    1 
ATOM   372 O OG1   . THR C 2 1  ? -4.066  -8.884  -3.801  1.00 34.80 ? 1   THR C OG1   1 
ATOM   373 C CG2   . THR C 2 1  ? -4.850  -6.733  -4.597  1.00 34.38 ? 1   THR C CG2   1 
HETATM 374 N N     . DVA C 2 2  ? -4.208  -8.547  -0.999  1.00 35.39 ? 2   DVA C N     1 
HETATM 375 C CA    . DVA C 2 2  ? -4.110  -9.435  0.180   1.00 38.27 ? 2   DVA C CA    1 
HETATM 376 C CB    . DVA C 2 2  ? -4.339  -8.653  1.472   1.00 39.76 ? 2   DVA C CB    1 
HETATM 377 C CG1   . DVA C 2 2  ? -4.435  -9.617  2.656   1.00 40.24 ? 2   DVA C CG1   1 
HETATM 378 C CG2   . DVA C 2 2  ? -5.669  -7.910  1.329   1.00 41.99 ? 2   DVA C CG2   1 
HETATM 379 C C     . DVA C 2 2  ? -2.908  -10.132 0.179   1.00 39.54 ? 2   DVA C C     1 
HETATM 380 O O     . DVA C 2 2  ? -1.851  -9.533  0.360   1.00 40.65 ? 2   DVA C O     1 
ATOM   381 N N     . PRO C 2 3  ? -2.938  -11.441 0.403   1.00 40.37 ? 3   PRO C N     1 
ATOM   382 C CA    . PRO C 2 3  ? -1.717  -12.274 0.339   1.00 41.13 ? 3   PRO C CA    1 
ATOM   383 C C     . PRO C 2 3  ? -1.848  -13.215 -0.855  1.00 41.84 ? 3   PRO C C     1 
ATOM   384 O O     . PRO C 2 3  ? -0.901  -13.951 -1.136  1.00 44.83 ? 3   PRO C O     1 
ATOM   385 C CB    . PRO C 2 3  ? -1.762  -13.074 1.628   1.00 41.36 ? 3   PRO C CB    1 
ATOM   386 C CG    . PRO C 2 3  ? -3.228  -13.462 1.602   1.00 41.17 ? 3   PRO C CG    1 
ATOM   387 C CD    . PRO C 2 3  ? -3.842  -12.089 1.384   1.00 42.06 ? 3   PRO C CD    1 
HETATM 388 N N     . SAR C 2 4  ? -2.957  -13.305 -1.604  1.00 40.58 ? 4   SAR C N     1 
HETATM 389 C CA    . SAR C 2 4  ? -4.151  -12.475 -1.329  1.00 40.45 ? 4   SAR C CA    1 
HETATM 390 C C     . SAR C 2 4  ? -4.675  -11.775 -2.412  1.00 40.05 ? 4   SAR C C     1 
HETATM 391 O O     . SAR C 2 4  ? -5.687  -11.101 -2.232  1.00 42.16 ? 4   SAR C O     1 
HETATM 392 C CN    . SAR C 2 4  ? -3.168  -14.542 -2.388  1.00 41.82 ? 4   SAR C CN    1 
HETATM 393 N N     . MVA C 2 5  ? -4.075  -11.685 -3.609  1.00 39.19 ? 5   MVA C N     1 
HETATM 394 C CN    . MVA C 2 5  ? -2.648  -12.028 -3.795  1.00 39.02 ? 5   MVA C CN    1 
HETATM 395 C CA    . MVA C 2 5  ? -4.741  -10.912 -4.683  1.00 38.21 ? 5   MVA C CA    1 
HETATM 396 C CB    . MVA C 2 5  ? -5.927  -11.664 -5.292  1.00 38.12 ? 5   MVA C CB    1 
HETATM 397 C CG1   . MVA C 2 5  ? -5.468  -13.047 -5.756  1.00 38.56 ? 5   MVA C CG1   1 
HETATM 398 C CG2   . MVA C 2 5  ? -7.063  -11.823 -4.280  1.00 38.78 ? 5   MVA C CG2   1 
HETATM 399 C C     . MVA C 2 5  ? -5.105  -9.646  -4.238  1.00 36.38 ? 5   MVA C C     1 
HETATM 400 O O     . MVA C 2 5  ? -6.283  -9.303  -4.159  1.00 34.98 ? 5   MVA C O     1 
HETATM 401 C C1    . PXZ C 2 6  ? -0.354  -5.698  -4.195  1.00 23.20 ? 6   PXZ C C1    1 
HETATM 402 C C0    . PXZ C 2 6  ? -1.407  -5.726  -3.285  1.00 25.14 ? 6   PXZ C C0    1 
HETATM 403 O O1    . PXZ C 2 6  ? -1.468  -4.920  -2.360  1.00 23.24 ? 6   PXZ C O1    1 
HETATM 404 C C2    . PXZ C 2 6  ? -0.530  -5.095  -5.434  1.00 21.29 ? 6   PXZ C C2    1 
HETATM 405 N N2    . PXZ C 2 6  ? -1.483  -4.170  -5.512  1.00 21.52 ? 6   PXZ C N2    1 
HETATM 406 C C3    . PXZ C 2 6  ? 0.520   -4.965  -6.337  1.00 21.24 ? 6   PXZ C C3    1 
HETATM 407 O O3    . PXZ C 2 6  ? 0.327   -4.489  -7.453  1.00 19.49 ? 6   PXZ C O3    1 
HETATM 408 C C4    . PXZ C 2 6  ? 1.781   -5.429  -5.972  1.00 21.20 ? 6   PXZ C C4    1 
HETATM 409 O O5    . PXZ C 2 6  ? 3.075   -6.780  -4.573  1.00 21.07 ? 6   PXZ C O5    1 
HETATM 410 C C6    . PXZ C 2 6  ? 4.442   -8.053  -3.149  1.00 22.99 ? 6   PXZ C C6    1 
HETATM 411 C C7    . PXZ C 2 6  ? 4.610   -8.749  -1.956  1.00 23.71 ? 6   PXZ C C7    1 
HETATM 412 C C8    . PXZ C 2 6  ? 3.646   -8.658  -0.957  1.00 25.68 ? 6   PXZ C C8    1 
HETATM 413 C C9    . PXZ C 2 6  ? 2.495   -7.901  -1.154  1.00 25.98 ? 6   PXZ C C9    1 
HETATM 414 C "C0'" . PXZ C 2 6  ? 1.449   -7.978  -0.242  1.00 27.56 ? 6   PXZ C "C0'" 1 
HETATM 415 O "O1'" . PXZ C 2 6  ? 0.443   -8.641  -0.489  1.00 28.08 ? 6   PXZ C "O1'" 1 
HETATM 416 N N10   . PXZ C 2 6  ? 1.084   -6.797  -2.677  1.00 22.62 ? 6   PXZ C N10   1 
HETATM 417 C C11   . PXZ C 2 6  ? 0.910   -6.150  -3.834  1.00 22.27 ? 6   PXZ C C11   1 
HETATM 418 C C12   . PXZ C 2 6  ? 1.975   -5.988  -4.716  1.00 21.61 ? 6   PXZ C C12   1 
HETATM 419 C C13   . PXZ C 2 6  ? 3.304   -7.275  -3.325  1.00 22.71 ? 6   PXZ C C13   1 
HETATM 420 C C14   . PXZ C 2 6  ? 2.310   -7.226  -2.355  1.00 23.49 ? 6   PXZ C C14   1 
HETATM 421 C C15   . PXZ C 2 6  ? 2.821   -5.421  -6.895  1.00 20.49 ? 6   PXZ C C15   1 
HETATM 422 C C16   . PXZ C 2 6  ? 5.374   -8.171  -4.174  1.00 23.99 ? 6   PXZ C C16   1 
ATOM   423 N N     . THR C 2 7  ? 1.656   -7.301  0.898   1.00 31.57 ? 7   THR C N     1 
ATOM   424 C CA    . THR C 2 7  ? 0.701   -7.255  2.014   1.00 35.45 ? 7   THR C CA    1 
ATOM   425 C C     . THR C 2 7  ? -0.311  -6.325  1.798   1.00 37.55 ? 7   THR C C     1 
ATOM   426 O O     . THR C 2 7  ? -0.115  -5.358  1.063   1.00 36.69 ? 7   THR C O     1 
ATOM   427 C CB    . THR C 2 7  ? 1.449   -6.827  3.264   1.00 36.26 ? 7   THR C CB    1 
ATOM   428 O OG1   . THR C 2 7  ? 1.956   -5.505  3.032   1.00 37.76 ? 7   THR C OG1   1 
ATOM   429 C CG2   . THR C 2 7  ? 2.606   -7.790  3.541   1.00 36.01 ? 7   THR C CG2   1 
HETATM 430 N N     . DVA C 2 8  ? -1.362  -6.318  2.725   1.00 41.15 ? 8   DVA C N     1 
HETATM 431 C CA    . DVA C 2 8  ? -2.548  -5.429  2.707   1.00 44.74 ? 8   DVA C CA    1 
HETATM 432 C CB    . DVA C 2 8  ? -3.826  -6.238  2.934   1.00 44.26 ? 8   DVA C CB    1 
HETATM 433 C CG1   . DVA C 2 8  ? -5.070  -5.352  3.021   1.00 43.48 ? 8   DVA C CG1   1 
HETATM 434 C CG2   . DVA C 2 8  ? -3.675  -7.011  4.246   1.00 45.78 ? 8   DVA C CG2   1 
HETATM 435 C C     . DVA C 2 8  ? -2.593  -4.620  1.578   1.00 47.10 ? 8   DVA C C     1 
HETATM 436 O O     . DVA C 2 8  ? -2.723  -5.107  0.455   1.00 47.05 ? 8   DVA C O     1 
ATOM   437 N N     . PRO C 2 9  ? -2.872  -3.333  1.773   1.00 48.11 ? 9   PRO C N     1 
ATOM   438 C CA    . PRO C 2 9  ? -2.919  -2.231  0.794   1.00 47.61 ? 9   PRO C CA    1 
ATOM   439 C C     . PRO C 2 9  ? -2.289  -1.079  1.570   1.00 48.18 ? 9   PRO C C     1 
ATOM   440 O O     . PRO C 2 9  ? -3.018  -0.229  2.081   1.00 50.67 ? 9   PRO C O     1 
ATOM   441 C CB    . PRO C 2 9  ? -4.409  -1.952  0.695   1.00 47.09 ? 9   PRO C CB    1 
ATOM   442 C CG    . PRO C 2 9  ? -4.976  -2.375  2.043   1.00 47.30 ? 9   PRO C CG    1 
ATOM   443 C CD    . PRO C 2 9  ? -3.767  -2.837  2.841   1.00 47.60 ? 9   PRO C CD    1 
HETATM 444 N N     . SAR C 2 10 ? -0.999  -1.147  1.927   1.00 48.50 ? 10  SAR C N     1 
HETATM 445 C CA    . SAR C 2 10 ? -0.207  -2.335  1.534   1.00 46.92 ? 10  SAR C CA    1 
HETATM 446 C C     . SAR C 2 10 ? 0.356   -2.944  2.651   1.00 45.14 ? 10  SAR C C     1 
HETATM 447 O O     . SAR C 2 10 ? -0.361  -3.493  3.485   1.00 44.98 ? 10  SAR C O     1 
HETATM 448 C CN    . SAR C 2 10 ? -0.503  -0.293  3.030   1.00 50.03 ? 10  SAR C CN    1 
HETATM 449 N N     . MVA C 2 11 ? 1.671   -2.825  2.874   1.00 43.86 ? 11  MVA C N     1 
HETATM 450 C CN    . MVA C 2 11 ? 2.512   -1.986  1.992   1.00 44.82 ? 11  MVA C CN    1 
HETATM 451 C CA    . MVA C 2 11 ? 2.297   -3.462  4.054   1.00 42.20 ? 11  MVA C CA    1 
HETATM 452 C CB    . MVA C 2 11 ? 1.982   -2.683  5.332   1.00 42.56 ? 11  MVA C CB    1 
HETATM 453 C CG1   . MVA C 2 11 ? 2.764   -3.278  6.505   1.00 43.55 ? 11  MVA C CG1   1 
HETATM 454 C CG2   . MVA C 2 11 ? 2.401   -1.224  5.148   1.00 43.85 ? 11  MVA C CG2   1 
HETATM 455 C C     . MVA C 2 11 ? 1.855   -4.775  4.172   1.00 40.57 ? 11  MVA C C     1 
HETATM 456 O O     . MVA C 2 11 ? 1.231   -5.153  5.162   1.00 42.20 ? 11  MVA C O     1 
ATOM   457 N N     . THR D 2 1  ? 0.648   6.365   -2.913  1.00 20.98 ? 1   THR D N     1 
ATOM   458 C CA    . THR D 2 1  ? 0.029   6.917   -1.698  1.00 22.09 ? 1   THR D CA    1 
ATOM   459 C C     . THR D 2 1  ? 0.469   6.254   -0.558  1.00 19.80 ? 1   THR D C     1 
ATOM   460 O O     . THR D 2 1  ? 1.150   5.234   -0.639  1.00 20.00 ? 1   THR D O     1 
ATOM   461 C CB    . THR D 2 1  ? -1.475  6.708   -1.771  1.00 20.91 ? 1   THR D CB    1 
ATOM   462 O OG1   . THR D 2 1  ? -1.756  5.303   -1.682  1.00 24.26 ? 1   THR D OG1   1 
ATOM   463 C CG2   . THR D 2 1  ? -2.049  7.280   -3.069  1.00 21.81 ? 1   THR D CG2   1 
HETATM 464 N N     . DVA D 2 2  ? -0.127  6.596   0.664   1.00 19.79 ? 2   DVA D N     1 
HETATM 465 C CA    . DVA D 2 2  ? 0.218   5.975   1.964   1.00 21.63 ? 2   DVA D CA    1 
HETATM 466 C CB    . DVA D 2 2  ? -0.322  6.842   3.105   1.00 21.80 ? 2   DVA D CB    1 
HETATM 467 C CG1   . DVA D 2 2  ? 0.057   6.259   4.467   1.00 21.56 ? 2   DVA D CG1   1 
HETATM 468 C CG2   . DVA D 2 2  ? -1.845  6.957   3.004   1.00 21.76 ? 2   DVA D CG2   1 
HETATM 469 C C     . DVA D 2 2  ? 1.596   5.851   2.106   1.00 21.76 ? 2   DVA D C     1 
HETATM 470 O O     . DVA D 2 2  ? 2.305   6.854   2.037   1.00 20.42 ? 2   DVA D O     1 
ATOM   471 N N     . PRO D 2 3  ? 2.178   4.658   2.225   1.00 22.87 ? 3   PRO D N     1 
ATOM   472 C CA    . PRO D 2 3  ? 1.562   3.307   2.216   1.00 23.23 ? 3   PRO D CA    1 
ATOM   473 C C     . PRO D 2 3  ? 0.338   3.184   3.116   1.00 23.15 ? 3   PRO D C     1 
ATOM   474 O O     . PRO D 2 3  ? 0.459   3.239   4.340   1.00 23.96 ? 3   PRO D O     1 
ATOM   475 C CB    . PRO D 2 3  ? 2.655   2.381   2.727   1.00 22.97 ? 3   PRO D CB    1 
ATOM   476 C CG    . PRO D 2 3  ? 3.882   3.054   2.140   1.00 23.32 ? 3   PRO D CG    1 
ATOM   477 C CD    . PRO D 2 3  ? 3.610   4.486   2.567   1.00 22.96 ? 3   PRO D CD    1 
HETATM 478 N N     . SAR D 2 4  ? -0.830  2.802   2.581   1.00 22.11 ? 4   SAR D N     1 
HETATM 479 C CA    . SAR D 2 4  ? -0.911  2.505   1.132   1.00 21.62 ? 4   SAR D CA    1 
HETATM 480 C C     . SAR D 2 4  ? -1.898  3.289   0.551   1.00 21.60 ? 4   SAR D C     1 
HETATM 481 O O     . SAR D 2 4  ? -2.318  4.289   1.130   1.00 21.20 ? 4   SAR D O     1 
HETATM 482 C CN    . SAR D 2 4  ? -2.020  2.622   3.442   1.00 23.88 ? 4   SAR D CN    1 
HETATM 483 N N     . MVA D 2 5  ? -2.400  2.953   -0.647  1.00 23.43 ? 5   MVA D N     1 
HETATM 484 C CN    . MVA D 2 5  ? -1.943  1.716   -1.320  1.00 24.43 ? 5   MVA D CN    1 
HETATM 485 C CA    . MVA D 2 5  ? -3.452  3.772   -1.291  1.00 24.95 ? 5   MVA D CA    1 
HETATM 486 C CB    . MVA D 2 5  ? -4.795  3.608   -0.578  1.00 25.67 ? 5   MVA D CB    1 
HETATM 487 C CG1   . MVA D 2 5  ? -5.135  2.118   -0.507  1.00 26.04 ? 5   MVA D CG1   1 
HETATM 488 C CG2   . MVA D 2 5  ? -4.730  4.170   0.843   1.00 26.69 ? 5   MVA D CG2   1 
HETATM 489 C C     . MVA D 2 5  ? -3.071  5.107   -1.392  1.00 25.23 ? 5   MVA D C     1 
HETATM 490 O O     . MVA D 2 5  ? -3.891  6.019   -1.315  1.00 26.85 ? 5   MVA D O     1 
HETATM 491 C C1    . PXZ D 2 6  ? 1.523   6.539   -5.067  1.00 21.48 ? 6   PXZ D C1    1 
HETATM 492 C C0    . PXZ D 2 6  ? 0.966   7.155   -3.950  1.00 21.57 ? 6   PXZ D C0    1 
HETATM 493 O O1    . PXZ D 2 6  ? 0.770   8.369   -3.965  1.00 22.06 ? 6   PXZ D O1    1 
HETATM 494 C C2    . PXZ D 2 6  ? 0.889   6.751   -6.284  1.00 21.92 ? 6   PXZ D C2    1 
HETATM 495 N N2    . PXZ D 2 6  ? -0.408  7.038   -6.239  1.00 21.03 ? 6   PXZ D N2    1 
HETATM 496 C C3    . PXZ D 2 6  ? 1.369   6.197   -7.466  1.00 23.27 ? 6   PXZ D C3    1 
HETATM 497 O O3    . PXZ D 2 6  ? 0.772   6.374   -8.527  1.00 27.11 ? 6   PXZ D O3    1 
HETATM 498 C C4    . PXZ D 2 6  ? 2.528   5.432   -7.423  1.00 21.38 ? 6   PXZ D C4    1 
HETATM 499 O O5    . PXZ D 2 6  ? 4.086   4.223   -6.178  1.00 19.69 ? 6   PXZ D O5    1 
HETATM 500 C C6    . PXZ D 2 6  ? 5.738   3.055   -5.010  1.00 19.12 ? 6   PXZ D C6    1 
HETATM 501 C C7    . PXZ D 2 6  ? 6.175   2.525   -3.803  1.00 18.21 ? 6   PXZ D C7    1 
HETATM 502 C C8    . PXZ D 2 6  ? 5.645   3.009   -2.611  1.00 17.09 ? 6   PXZ D C8    1 
HETATM 503 C C9    . PXZ D 2 6  ? 4.695   4.023   -2.617  1.00 17.23 ? 6   PXZ D C9    1 
HETATM 504 C "C0'" . PXZ D 2 6  ? 4.548   4.755   -1.445  1.00 17.59 ? 6   PXZ D "C0'" 1 
HETATM 505 O "O1'" . PXZ D 2 6  ? 4.454   4.166   -0.370  1.00 15.72 ? 6   PXZ D "O1'" 1 
HETATM 506 N N10   . PXZ D 2 6  ? 3.118   5.278   -3.852  1.00 20.40 ? 6   PXZ D N10   1 
HETATM 507 C C11   . PXZ D 2 6  ? 2.669   5.752   -5.022  1.00 21.31 ? 6   PXZ D C11   1 
HETATM 508 C C12   . PXZ D 2 6  ? 3.181   5.240   -6.212  1.00 20.53 ? 6   PXZ D C12   1 
HETATM 509 C C13   . PXZ D 2 6  ? 4.775   4.059   -5.015  1.00 19.43 ? 6   PXZ D C13   1 
HETATM 510 C C14   . PXZ D 2 6  ? 4.224   4.524   -3.826  1.00 18.65 ? 6   PXZ D C14   1 
HETATM 511 C C15   . PXZ D 2 6  ? 2.950   4.754   -8.562  1.00 21.54 ? 6   PXZ D C15   1 
HETATM 512 C C16   . PXZ D 2 6  ? 6.260   2.583   -6.207  1.00 19.14 ? 6   PXZ D C16   1 
ATOM   513 N N     . THR D 2 7  ? 4.491   6.089   -1.569  1.00 17.82 ? 7   THR D N     1 
ATOM   514 C CA    . THR D 2 7  ? 4.354   6.934   -0.374  1.00 17.80 ? 7   THR D CA    1 
ATOM   515 C C     . THR D 2 7  ? 3.685   8.126   -0.629  1.00 18.46 ? 7   THR D C     1 
ATOM   516 O O     . THR D 2 7  ? 3.445   8.499   -1.776  1.00 16.15 ? 7   THR D O     1 
ATOM   517 C CB    . THR D 2 7  ? 5.724   7.298   0.180   1.00 17.01 ? 7   THR D CB    1 
ATOM   518 O OG1   . THR D 2 7  ? 6.410   8.157   -0.743  1.00 15.89 ? 7   THR D OG1   1 
ATOM   519 C CG2   . THR D 2 7  ? 6.553   6.049   0.485   1.00 15.81 ? 7   THR D CG2   1 
HETATM 520 N N     . DVA D 2 8  ? 3.619   9.021   0.444   1.00 19.04 ? 8   DVA D N     1 
HETATM 521 C CA    . DVA D 2 8  ? 2.980   10.355  0.421   1.00 20.98 ? 8   DVA D CA    1 
HETATM 522 C CB    . DVA D 2 8  ? 2.843   10.850  1.861   1.00 22.76 ? 8   DVA D CB    1 
HETATM 523 C CG1   . DVA D 2 8  ? 2.226   12.251  1.847   1.00 25.55 ? 8   DVA D CG1   1 
HETATM 524 C CG2   . DVA D 2 8  ? 4.229   10.894  2.508   1.00 23.34 ? 8   DVA D CG2   1 
HETATM 525 C C     . DVA D 2 8  ? 1.720   10.358  -0.166  1.00 18.76 ? 8   DVA D C     1 
HETATM 526 O O     . DVA D 2 8  ? 0.754   9.949   0.474   1.00 15.82 ? 8   DVA D O     1 
ATOM   527 N N     . PRO D 2 9  ? 1.529   10.926  -1.357  1.00 17.87 ? 9   PRO D N     1 
ATOM   528 C CA    . PRO D 2 9  ? 2.529   11.576  -2.240  1.00 16.64 ? 9   PRO D CA    1 
ATOM   529 C C     . PRO D 2 9  ? 3.218   12.739  -1.535  1.00 17.28 ? 9   PRO D C     1 
ATOM   530 O O     . PRO D 2 9  ? 2.593   13.771  -1.302  1.00 16.88 ? 9   PRO D O     1 
ATOM   531 C CB    . PRO D 2 9  ? 1.693   12.079  -3.406  1.00 17.17 ? 9   PRO D CB    1 
ATOM   532 C CG    . PRO D 2 9  ? 0.422   12.501  -2.693  1.00 16.26 ? 9   PRO D CG    1 
ATOM   533 C CD    . PRO D 2 9  ? 0.179   11.246  -1.873  1.00 16.73 ? 9   PRO D CD    1 
HETATM 534 N N     . SAR D 2 10 ? 4.557   12.797  -1.513  1.00 18.31 ? 10  SAR D N     1 
HETATM 535 C CA    . SAR D 2 10 ? 5.344   11.751  -2.206  1.00 17.86 ? 10  SAR D CA    1 
HETATM 536 C C     . SAR D 2 10 ? 6.167   11.043  -1.338  1.00 16.94 ? 10  SAR D C     1 
HETATM 537 O O     . SAR D 2 10 ? 5.912   11.007  -0.136  1.00 17.01 ? 10  SAR D O     1 
HETATM 538 C CN    . SAR D 2 10 ? 5.227   13.707  -0.556  1.00 16.84 ? 10  SAR D CN    1 
HETATM 539 N N     . MVA D 2 11 ? 7.249   10.415  -1.828  1.00 16.91 ? 11  MVA D N     1 
HETATM 540 C CN    . MVA D 2 11 ? 7.590   10.566  -3.261  1.00 16.14 ? 11  MVA D CN    1 
HETATM 541 C CA    . MVA D 2 11 ? 8.172   9.637   -0.969  1.00 15.86 ? 11  MVA D CA    1 
HETATM 542 C CB    . MVA D 2 11 ? 9.133   10.541  -0.189  1.00 16.14 ? 11  MVA D CB    1 
HETATM 543 C CG1   . MVA D 2 11 ? 8.361   11.489  0.731   1.00 15.29 ? 11  MVA D CG1   1 
HETATM 544 C CG2   . MVA D 2 11 ? 10.118  9.716   0.643   1.00 17.79 ? 11  MVA D CG2   1 
HETATM 545 C C     . MVA D 2 11 ? 7.489   8.740   -0.154  1.00 15.24 ? 11  MVA D C     1 
HETATM 546 O O     . MVA D 2 11 ? 7.923   8.415   0.950   1.00 13.74 ? 11  MVA D O     1 
HETATM 547 O O     . HOH E 3 .  ? 2.689   -7.972  -10.707 1.00 1.00  ? 101 HOH A O     1 
HETATM 548 O O     . HOH E 3 .  ? -6.302  13.603  -12.982 1.00 17.35 ? 102 HOH A O     1 
HETATM 549 O O     . HOH E 3 .  ? -10.760 -4.970  -7.420  1.00 51.41 ? 103 HOH A O     1 
HETATM 550 O O     . HOH E 3 .  ? -1.118  20.134  -14.739 1.00 34.02 ? 104 HOH A O     1 
HETATM 551 O O     . HOH E 3 .  ? 13.545  17.351  0.420   1.00 22.06 ? 105 HOH A O     1 
HETATM 552 O O     . HOH E 3 .  ? 6.086   -13.171 -14.174 1.00 17.42 ? 106 HOH A O     1 
HETATM 553 O O     . HOH E 3 .  ? -9.693  1.961   -4.118  1.00 31.98 ? 107 HOH A O     1 
HETATM 554 O O     . HOH E 3 .  ? 12.338  13.070  2.253   1.00 1.13  ? 108 HOH A O     1 
HETATM 555 O O     . HOH E 3 .  ? 0.483   17.954  4.148   1.00 1.00  ? 109 HOH A O     1 
HETATM 556 O O     . HOH E 3 .  ? 15.636  17.618  8.283   1.00 18.27 ? 110 HOH A O     1 
HETATM 557 O O     . HOH E 3 .  ? 14.423  13.961  10.532  1.00 1.00  ? 111 HOH A O     1 
HETATM 558 O O     . HOH E 3 .  ? 12.608  11.074  12.542  1.00 41.08 ? 112 HOH A O     1 
HETATM 559 O O     . HOH E 3 .  ? 11.011  16.278  10.094  1.00 24.30 ? 113 HOH A O     1 
HETATM 560 O O     . HOH E 3 .  ? 11.615  13.990  7.985   1.00 22.64 ? 114 HOH A O     1 
HETATM 561 O O     . HOH E 3 .  ? -7.784  -6.605  -11.059 1.00 70.83 ? 115 HOH A O     1 
HETATM 562 O O     . HOH E 3 .  ? 10.095  -14.593 -14.523 1.00 43.80 ? 116 HOH A O     1 
HETATM 563 O O     . HOH E 3 .  ? 14.926  13.878  7.342   1.00 15.23 ? 117 HOH A O     1 
HETATM 564 O O     . HOH E 3 .  ? 15.562  18.303  3.445   1.00 18.10 ? 118 HOH A O     1 
HETATM 565 O O     . HOH E 3 .  ? -1.650  0.565   -10.860 1.00 48.80 ? 119 HOH A O     1 
HETATM 566 O O     . HOH E 3 .  ? 10.071  14.652  5.391   1.00 52.25 ? 120 HOH A O     1 
HETATM 567 O O     . HOH E 3 .  ? -3.687  20.025  -8.909  1.00 22.22 ? 121 HOH A O     1 
HETATM 568 O O     . HOH E 3 .  ? 17.358  16.543  0.640   1.00 58.52 ? 122 HOH A O     1 
HETATM 569 O O     . HOH E 3 .  ? 2.553   20.443  6.147   1.00 12.42 ? 123 HOH A O     1 
HETATM 570 O O     . HOH E 3 .  ? 6.387   -17.847 -10.497 1.00 10.70 ? 124 HOH A O     1 
HETATM 571 O O     . HOH E 3 .  ? -17.389 -3.936  -5.461  1.00 15.29 ? 125 HOH A O     1 
HETATM 572 O O     . HOH E 3 .  ? 6.286   -6.336  -12.352 1.00 21.65 ? 126 HOH A O     1 
HETATM 573 O O     . HOH E 3 .  ? -2.287  13.649  -13.339 1.00 54.53 ? 127 HOH A O     1 
HETATM 574 O O     . HOH E 3 .  ? 1.293   -6.018  -13.039 1.00 32.17 ? 128 HOH A O     1 
HETATM 575 O O     . HOH E 3 .  ? -4.947  20.125  5.794   1.00 32.31 ? 129 HOH A O     1 
HETATM 576 O O     . HOH E 3 .  ? -7.847  12.261  -8.843  1.00 24.67 ? 130 HOH A O     1 
HETATM 577 O O     . HOH E 3 .  ? -1.983  19.955  5.236   1.00 38.06 ? 131 HOH A O     1 
HETATM 578 O O     . HOH E 3 .  ? -2.236  18.976  -1.267  1.00 25.45 ? 132 HOH A O     1 
HETATM 579 O O     . HOH E 3 .  ? 4.507   -4.999  -10.257 1.00 17.50 ? 133 HOH A O     1 
HETATM 580 O O     . HOH E 3 .  ? 7.325   16.267  5.923   1.00 21.93 ? 134 HOH A O     1 
HETATM 581 O O     . HOH E 3 .  ? -6.513  -7.838  -14.778 1.00 54.06 ? 135 HOH A O     1 
HETATM 582 O O     . HOH F 3 .  ? 10.556  6.163   -15.599 1.00 21.66 ? 101 HOH B O     1 
HETATM 583 O O     . HOH F 3 .  ? -9.475  -17.401 1.746   1.00 14.07 ? 102 HOH B O     1 
HETATM 584 O O     . HOH F 3 .  ? 11.297  15.125  -13.012 1.00 7.24  ? 103 HOH B O     1 
HETATM 585 O O     . HOH F 3 .  ? 16.232  3.806   -8.000  1.00 23.38 ? 104 HOH B O     1 
HETATM 586 O O     . HOH F 3 .  ? 7.858   -12.346 -6.023  1.00 10.26 ? 105 HOH B O     1 
HETATM 587 O O     . HOH F 3 .  ? 9.420   1.034   -7.201  1.00 1.00  ? 106 HOH B O     1 
HETATM 588 O O     . HOH F 3 .  ? 13.104  4.868   -14.309 1.00 1.00  ? 107 HOH B O     1 
HETATM 589 O O     . HOH F 3 .  ? -3.808  -16.960 5.490   1.00 12.94 ? 108 HOH B O     1 
HETATM 590 O O     . HOH F 3 .  ? 10.978  -15.359 -2.969  1.00 1.00  ? 109 HOH B O     1 
HETATM 591 O O     . HOH F 3 .  ? 18.892  10.968  -7.449  1.00 15.70 ? 110 HOH B O     1 
HETATM 592 O O     . HOH F 3 .  ? -2.126  -15.625 8.922   1.00 20.49 ? 111 HOH B O     1 
HETATM 593 O O     . HOH F 3 .  ? 3.132   -28.503 9.165   1.00 76.60 ? 112 HOH B O     1 
HETATM 594 O O     . HOH F 3 .  ? 13.863  8.409   0.696   1.00 1.00  ? 113 HOH B O     1 
HETATM 595 O O     . HOH F 3 .  ? 17.016  7.462   -15.593 1.00 24.39 ? 114 HOH B O     1 
HETATM 596 O O     . HOH F 3 .  ? -5.889  -15.464 3.351   1.00 1.00  ? 115 HOH B O     1 
HETATM 597 O O     . HOH F 3 .  ? -9.481  -16.221 -1.204  1.00 17.08 ? 116 HOH B O     1 
HETATM 598 O O     . HOH F 3 .  ? 16.737  10.056  1.932   1.00 41.48 ? 117 HOH B O     1 
HETATM 599 O O     . HOH F 3 .  ? 13.616  5.887   -18.946 1.00 1.47  ? 118 HOH B O     1 
HETATM 600 O O     . HOH F 3 .  ? 14.276  3.260   3.735   1.00 16.72 ? 119 HOH B O     1 
HETATM 601 O O     . HOH F 3 .  ? 9.895   -13.444 4.575   1.00 36.03 ? 120 HOH B O     1 
HETATM 602 O O     . HOH F 3 .  ? 9.819   1.331   5.261   1.00 44.18 ? 121 HOH B O     1 
HETATM 603 O O     . HOH F 3 .  ? 6.758   -10.231 -10.331 1.00 30.76 ? 122 HOH B O     1 
HETATM 604 O O     . HOH F 3 .  ? 6.638   -24.310 8.262   1.00 19.63 ? 123 HOH B O     1 
HETATM 605 O O     . HOH G 3 .  ? -1.823  -8.294  7.521   1.00 12.59 ? 101 HOH C O     1 
HETATM 606 O O     . HOH G 3 .  ? -2.210  -7.081  11.405  1.00 3.65  ? 102 HOH C O     1 
HETATM 607 O O     . HOH G 3 .  ? 3.096   -15.141 12.561  1.00 4.93  ? 103 HOH C O     1 
HETATM 608 O O     . HOH G 3 .  ? -11.276 -10.070 -5.399  1.00 18.70 ? 104 HOH C O     1 
HETATM 609 O O     . HOH G 3 .  ? 3.431   -13.489 20.499  1.00 27.73 ? 105 HOH C O     1 
HETATM 610 O O     . HOH G 3 .  ? 0.706   -5.400  7.660   1.00 45.62 ? 106 HOH C O     1 
HETATM 611 O O     . HOH G 3 .  ? -10.348 -12.194 -2.869  1.00 47.15 ? 107 HOH C O     1 
HETATM 612 O O     . HOH G 3 .  ? -0.498  -16.771 14.619  1.00 44.86 ? 108 HOH C O     1 
HETATM 613 O O     . HOH G 3 .  ? 1.211   -16.888 21.059  1.00 44.07 ? 109 HOH C O     1 
HETATM 614 O O     . HOH G 3 .  ? -9.006  -8.665  -7.712  1.00 7.07  ? 110 HOH C O     1 
HETATM 615 O O     . HOH G 3 .  ? -0.780  -25.599 16.708  1.00 24.16 ? 111 HOH C O     1 
HETATM 616 O O     . HOH G 3 .  ? -3.266  -7.989  25.346  1.00 1.00  ? 112 HOH C O     1 
HETATM 617 O O     . HOH G 3 .  ? 2.628   -10.169 23.287  1.00 65.11 ? 113 HOH C O     1 
HETATM 618 O O     . HOH G 3 .  ? 5.141   -7.435  22.760  1.00 33.00 ? 114 HOH C O     1 
HETATM 619 O O     . HOH G 3 .  ? 1.788   -11.189 18.433  1.00 15.86 ? 115 HOH C O     1 
HETATM 620 O O     . HOH G 3 .  ? -6.948  -8.434  29.056  1.00 5.79  ? 116 HOH C O     1 
HETATM 621 O O     . HOH G 3 .  ? -2.594  -3.428  25.634  1.00 1.35  ? 117 HOH C O     1 
HETATM 622 O O     . HOH G 3 .  ? 0.520   -12.088 14.810  1.00 19.76 ? 118 HOH C O     1 
HETATM 623 O O     . HOH G 3 .  ? 4.311   -6.822  15.132  1.00 29.20 ? 119 HOH C O     1 
HETATM 624 O O     . HOH G 3 .  ? -3.458  -10.229 5.269   1.00 7.69  ? 120 HOH C O     1 
HETATM 625 O O     . HOH G 3 .  ? -4.141  -5.651  18.984  1.00 68.12 ? 121 HOH C O     1 
HETATM 626 O O     . HOH G 3 .  ? -5.879  -9.378  18.153  1.00 23.40 ? 122 HOH C O     1 
HETATM 627 O O     . HOH G 3 .  ? -6.969  -5.186  21.474  1.00 4.96  ? 123 HOH C O     1 
HETATM 628 O O     . HOH G 3 .  ? -3.514  -10.690 10.359  1.00 82.75 ? 124 HOH C O     1 
HETATM 629 O O     . HOH G 3 .  ? 1.160   -21.586 16.815  1.00 38.54 ? 125 HOH C O     1 
HETATM 630 O O     . HOH G 3 .  ? -5.618  -19.194 13.637  1.00 12.91 ? 126 HOH C O     1 
HETATM 631 O O     . HOH G 3 .  ? 0.922   -7.557  16.350  1.00 36.16 ? 127 HOH C O     1 
HETATM 632 O O     . HOH G 3 .  ? -9.632  -13.919 25.138  1.00 48.40 ? 128 HOH C O     1 
HETATM 633 O O     . HOH G 3 .  ? -5.324  -13.775 10.383  1.00 18.81 ? 129 HOH C O     1 
HETATM 634 O O     . HOH G 3 .  ? -8.597  -16.078 26.855  1.00 16.65 ? 130 HOH C O     1 
HETATM 635 O O     . HOH G 3 .  ? -4.038  -14.536 16.122  1.00 29.87 ? 131 HOH C O     1 
HETATM 636 O O     . HOH G 3 .  ? -5.308  -14.241 19.118  1.00 1.59  ? 132 HOH C O     1 
HETATM 637 O O     . HOH G 3 .  ? -7.904  -13.518 22.371  1.00 54.21 ? 133 HOH C O     1 
HETATM 638 O O     . HOH G 3 .  ? 5.168   -18.159 16.816  1.00 23.93 ? 134 HOH C O     1 
HETATM 639 O O     . HOH G 3 .  ? -1.172  -12.141 30.728  1.00 1.15  ? 135 HOH C O     1 
HETATM 640 O O     . HOH G 3 .  ? -1.925  -11.679 25.446  1.00 1.00  ? 136 HOH C O     1 
HETATM 641 O O     . HOH G 3 .  ? -4.115  -16.999 19.415  1.00 20.13 ? 137 HOH C O     1 
HETATM 642 O O     . HOH G 3 .  ? 1.762   -6.421  30.470  1.00 34.44 ? 138 HOH C O     1 
HETATM 643 O O     . HOH G 3 .  ? 0.738   -8.234  26.139  1.00 50.34 ? 139 HOH C O     1 
HETATM 644 O O     . HOH G 3 .  ? 2.336   1.114   25.408  1.00 44.93 ? 140 HOH C O     1 
HETATM 645 O O     . HOH G 3 .  ? -5.228  -10.459 20.954  1.00 43.41 ? 141 HOH C O     1 
HETATM 646 O O     . HOH G 3 .  ? -0.575  -1.408  7.476   1.00 1.00  ? 142 HOH C O     1 
HETATM 647 O O     . HOH G 3 .  ? 6.788   -9.913  29.081  1.00 14.26 ? 143 HOH C O     1 
HETATM 648 O O     . HOH G 3 .  ? -0.242  -8.646  20.510  1.00 36.77 ? 144 HOH C O     1 
HETATM 649 O O     . HOH G 3 .  ? -4.256  -11.332 29.989  1.00 36.37 ? 145 HOH C O     1 
HETATM 650 O O     . HOH G 3 .  ? -0.046  -11.781 9.006   1.00 19.68 ? 146 HOH C O     1 
HETATM 651 O O     . HOH G 3 .  ? -5.449  -9.680  24.034  1.00 8.09  ? 147 HOH C O     1 
HETATM 652 O O     . HOH G 3 .  ? 1.812   -22.166 24.219  1.00 8.75  ? 148 HOH C O     1 
HETATM 653 O O     . HOH G 3 .  ? 4.407   -10.323 31.695  1.00 38.20 ? 149 HOH C O     1 
HETATM 654 O O     . HOH G 3 .  ? 4.983   -9.387  24.481  1.00 50.38 ? 150 HOH C O     1 
HETATM 655 O O     . HOH G 3 .  ? 3.226   -5.564  26.049  1.00 44.07 ? 151 HOH C O     1 
HETATM 656 O O     . HOH G 3 .  ? 3.342   -5.221  18.584  1.00 44.34 ? 152 HOH C O     1 
HETATM 657 O O     . HOH G 3 .  ? 5.607   -6.206  28.419  1.00 21.67 ? 153 HOH C O     1 
HETATM 658 O O     . HOH G 3 .  ? -0.696  -4.773  15.931  1.00 72.98 ? 154 HOH C O     1 
HETATM 659 O O     . HOH G 3 .  ? 6.158   -9.836  35.108  1.00 15.11 ? 155 HOH C O     1 
HETATM 660 O O     . HOH G 3 .  ? -2.448  -19.431 18.059  1.00 42.40 ? 156 HOH C O     1 
HETATM 661 O O     . HOH G 3 .  ? -0.199  -28.046 15.001  1.00 7.74  ? 157 HOH C O     1 
HETATM 662 O O     . HOH G 3 .  ? -3.731  -21.710 15.344  1.00 21.40 ? 158 HOH C O     1 
HETATM 663 O O     . HOH G 3 .  ? -1.986  -8.471  14.904  1.00 50.18 ? 159 HOH C O     1 
HETATM 664 O O     . HOH G 3 .  ? 2.380   -9.131  8.042   1.00 58.70 ? 160 HOH C O     1 
HETATM 665 O O     . HOH G 3 .  ? 8.631   -19.935 30.616  0.50 59.01 ? 161 HOH C O     1 
HETATM 666 O O     . HOH G 3 .  ? 7.505   -13.919 17.106  1.00 33.52 ? 162 HOH C O     1 
HETATM 667 O O     . HOH G 3 .  ? -5.628  -12.220 26.687  1.00 31.58 ? 163 HOH C O     1 
HETATM 668 O O     . HOH G 3 .  ? -1.697  -6.844  22.803  1.00 8.09  ? 164 HOH C O     1 
HETATM 669 O O     . HOH G 3 .  ? 8.677   -7.223  24.939  1.00 18.44 ? 165 HOH C O     1 
HETATM 670 O O     . HOH G 3 .  ? 6.542   -21.271 25.855  1.00 32.50 ? 166 HOH C O     1 
HETATM 671 O O     . HOH G 3 .  ? -1.734  -19.495 24.101  1.00 16.87 ? 167 HOH C O     1 
HETATM 672 O O     . HOH G 3 .  ? 9.142   -16.843 25.654  1.00 45.93 ? 168 HOH C O     1 
HETATM 673 O O     . HOH G 3 .  ? 2.220   -5.613  23.111  1.00 29.84 ? 169 HOH C O     1 
HETATM 674 O O     . HOH G 3 .  ? -1.296  -22.968 18.315  1.00 37.06 ? 170 HOH C O     1 
HETATM 675 O O     . HOH G 3 .  ? -7.193  -12.828 12.552  1.00 45.38 ? 171 HOH C O     1 
HETATM 676 O O     . HOH G 3 .  ? 4.072   0.817   7.690   1.00 23.84 ? 172 HOH C O     1 
HETATM 677 O O     . HOH H 3 .  ? -1.735  10.157  -4.900  1.00 1.00  ? 101 HOH D O     1 
HETATM 678 O O     . HOH H 3 .  ? 10.166  7.140   4.450   1.00 11.06 ? 102 HOH D O     1 
HETATM 679 O O     . HOH H 3 .  ? 0.416   15.234  -0.413  1.00 1.00  ? 103 HOH D O     1 
# 
